data_9MRH
#
_entry.id   9MRH
#
_cell.length_a   75.440
_cell.length_b   96.190
_cell.length_c   144.480
_cell.angle_alpha   90.000
_cell.angle_beta   90.000
_cell.angle_gamma   90.000
#
_symmetry.space_group_name_H-M   'P 2 21 21'
#
loop_
_entity.id
_entity.type
_entity.pdbx_description
1 polymer 'Fluorescence lifetime-readout citrate sensor'
2 non-polymer 'CITRIC ACID'
3 non-polymer 'PENTAETHYLENE GLYCOL'
4 non-polymer 'SULFATE ION'
5 water water
#
_entity_poly.entity_id   1
_entity_poly.type   'polypeptide(L)'
_entity_poly.pdbx_seq_one_letter_code
;MKHHHHHHHVSKGEELFTGVVPILVELDGDVNGHKFSVSGEGEGDATYGKLTLKFICTTGKLPVPWPTLVTTL(SWG)VQ
CFARYPDHMKQHDFFKSAMPEGYVQERTIFFKDDGNYKTRAEVKFEGDTLVNRIELKGIDFKEDGNILGHKLEYNLTGRS
MDITEERLHYQVGQRALIQAMQISAMPELVEAVQKRDLARIKALIDPMRSFSDATYITVGDASGQRLYHVNPDEIGKSME
GGDSDEALINAASYVSVRKGSLGSSLRGKSPIQDATGKVIGIVSVGYTIEQLVTNHFNVYITADKQKNGIKANFKIRHNI
EDGGVQLADHYQQNTPIGDGPVLLPDNHYLSTQSKLSKDPNEKRDHMVLLEFVTAAGITLGMDELYQ
;
_entity_poly.pdbx_strand_id   A,B
#
# COMPACT_ATOMS: atom_id res chain seq x y z
N HIS A 8 13.99 -51.21 9.06
CA HIS A 8 13.63 -49.79 9.09
C HIS A 8 13.46 -49.31 10.53
N HIS A 9 13.33 -47.99 10.68
CA HIS A 9 13.01 -47.37 11.95
C HIS A 9 11.74 -46.52 11.79
N VAL A 10 11.12 -46.20 12.92
CA VAL A 10 9.93 -45.37 12.89
C VAL A 10 10.30 -43.97 12.43
N SER A 11 9.48 -43.39 11.55
CA SER A 11 9.78 -42.10 10.97
C SER A 11 9.67 -41.01 12.04
N LYS A 12 10.69 -40.15 12.10
CA LYS A 12 10.71 -39.02 13.01
C LYS A 12 11.28 -37.81 12.28
N GLY A 13 10.84 -36.63 12.71
CA GLY A 13 11.35 -35.41 12.12
C GLY A 13 10.86 -35.22 10.70
N GLU A 14 11.79 -34.89 9.80
CA GLU A 14 11.46 -34.63 8.40
C GLU A 14 10.95 -35.86 7.67
N GLU A 15 11.22 -37.06 8.19
CA GLU A 15 10.75 -38.29 7.56
C GLU A 15 9.24 -38.36 7.52
N LEU A 16 8.55 -37.65 8.41
CA LEU A 16 7.09 -37.64 8.45
C LEU A 16 6.48 -36.68 7.44
N PHE A 17 7.28 -35.88 6.76
CA PHE A 17 6.78 -34.86 5.84
C PHE A 17 7.25 -35.06 4.40
N THR A 18 7.74 -36.26 4.08
CA THR A 18 8.20 -36.53 2.71
C THR A 18 7.03 -36.63 1.73
N GLY A 19 5.80 -36.71 2.21
CA GLY A 19 4.65 -36.78 1.34
C GLY A 19 3.47 -35.96 1.85
N VAL A 20 2.28 -36.21 1.30
CA VAL A 20 1.09 -35.51 1.76
C VAL A 20 0.67 -36.05 3.12
N VAL A 21 0.42 -35.16 4.07
CA VAL A 21 0.07 -35.51 5.43
C VAL A 21 -1.31 -34.94 5.73
N PRO A 22 -2.25 -35.75 6.21
CA PRO A 22 -3.55 -35.20 6.61
C PRO A 22 -3.42 -34.25 7.79
N ILE A 23 -4.31 -33.26 7.83
CA ILE A 23 -4.26 -32.21 8.85
C ILE A 23 -5.63 -32.10 9.50
N LEU A 24 -5.63 -31.97 10.83
CA LEU A 24 -6.81 -31.60 11.60
C LEU A 24 -6.48 -30.37 12.42
N VAL A 25 -7.39 -29.40 12.43
CA VAL A 25 -7.24 -28.17 13.20
C VAL A 25 -8.45 -28.02 14.11
N GLU A 26 -8.21 -27.75 15.38
CA GLU A 26 -9.27 -27.55 16.37
C GLU A 26 -8.97 -26.28 17.15
N LEU A 27 -9.79 -25.26 16.95
CA LEU A 27 -9.65 -23.99 17.64
C LEU A 27 -10.83 -23.78 18.58
N ASP A 28 -10.54 -23.43 19.83
CA ASP A 28 -11.55 -23.04 20.80
C ASP A 28 -11.26 -21.60 21.21
N GLY A 29 -12.15 -20.69 20.82
CA GLY A 29 -11.89 -19.27 21.00
C GLY A 29 -12.78 -18.57 21.99
N ASP A 30 -12.32 -17.41 22.48
CA ASP A 30 -13.08 -16.60 23.43
C ASP A 30 -12.62 -15.16 23.23
N VAL A 31 -13.44 -14.36 22.55
CA VAL A 31 -13.14 -12.96 22.24
C VAL A 31 -14.23 -12.11 22.89
N ASN A 32 -13.87 -11.37 23.93
CA ASN A 32 -14.80 -10.48 24.64
C ASN A 32 -16.05 -11.24 25.08
N GLY A 33 -15.85 -12.45 25.61
CA GLY A 33 -16.95 -13.28 26.03
C GLY A 33 -17.67 -14.01 24.93
N HIS A 34 -17.42 -13.66 23.67
CA HIS A 34 -18.03 -14.36 22.54
C HIS A 34 -17.20 -15.61 22.25
N LYS A 35 -17.70 -16.76 22.67
CA LYS A 35 -17.00 -18.02 22.49
C LYS A 35 -17.37 -18.64 21.14
N PHE A 36 -16.44 -19.42 20.61
CA PHE A 36 -16.61 -20.06 19.31
C PHE A 36 -15.60 -21.17 19.17
N SER A 37 -15.86 -22.06 18.22
CA SER A 37 -14.93 -23.15 17.92
C SER A 37 -14.86 -23.36 16.42
N VAL A 38 -13.66 -23.66 15.93
CA VAL A 38 -13.40 -23.86 14.52
C VAL A 38 -12.80 -25.24 14.31
N SER A 39 -13.39 -26.02 13.41
CA SER A 39 -12.86 -27.33 13.03
C SER A 39 -12.17 -27.22 11.67
N GLY A 40 -10.88 -27.50 11.65
CA GLY A 40 -10.10 -27.45 10.42
C GLY A 40 -9.86 -28.84 9.87
N GLU A 41 -9.74 -28.91 8.54
CA GLU A 41 -9.62 -30.19 7.85
C GLU A 41 -8.91 -29.96 6.53
N GLY A 42 -7.86 -30.75 6.27
CA GLY A 42 -7.14 -30.63 5.01
C GLY A 42 -5.91 -31.50 5.00
N GLU A 43 -4.90 -31.04 4.27
CA GLU A 43 -3.65 -31.78 4.13
C GLU A 43 -2.52 -30.82 3.79
N GLY A 44 -1.31 -31.24 4.11
CA GLY A 44 -0.13 -30.44 3.84
C GLY A 44 0.92 -31.23 3.09
N ASP A 45 1.60 -30.56 2.17
CA ASP A 45 2.64 -31.16 1.34
C ASP A 45 3.89 -30.28 1.49
N ALA A 46 4.75 -30.64 2.43
CA ALA A 46 5.94 -29.84 2.71
C ALA A 46 6.93 -29.84 1.55
N THR A 47 6.84 -30.81 0.65
CA THR A 47 7.66 -30.79 -0.56
C THR A 47 7.45 -29.51 -1.35
N TYR A 48 6.22 -29.00 -1.35
CA TYR A 48 5.91 -27.73 -2.02
C TYR A 48 5.53 -26.63 -1.03
N GLY A 49 5.69 -26.88 0.26
CA GLY A 49 5.23 -25.93 1.28
C GLY A 49 3.75 -25.63 1.17
N LYS A 50 2.96 -26.59 0.71
CA LYS A 50 1.58 -26.35 0.29
C LYS A 50 0.62 -26.80 1.37
N LEU A 51 -0.34 -25.94 1.70
CA LEU A 51 -1.39 -26.24 2.65
C LEU A 51 -2.74 -25.99 1.99
N THR A 52 -3.62 -26.99 2.05
CA THR A 52 -5.00 -26.83 1.59
C THR A 52 -5.91 -27.24 2.75
N LEU A 53 -6.61 -26.28 3.34
CA LEU A 53 -7.40 -26.50 4.53
C LEU A 53 -8.78 -25.87 4.36
N LYS A 54 -9.77 -26.49 4.98
CA LYS A 54 -11.11 -25.94 5.06
C LYS A 54 -11.52 -25.88 6.53
N PHE A 55 -11.93 -24.69 6.96
CA PHE A 55 -12.32 -24.46 8.35
C PHE A 55 -13.82 -24.20 8.42
N ILE A 56 -14.46 -24.76 9.45
CA ILE A 56 -15.89 -24.60 9.67
C ILE A 56 -16.12 -24.11 11.08
N CYS A 57 -16.97 -23.10 11.23
CA CYS A 57 -17.37 -22.62 12.55
C CYS A 57 -18.47 -23.54 13.08
N THR A 58 -18.14 -24.37 14.07
CA THR A 58 -19.07 -25.36 14.59
C THR A 58 -20.00 -24.79 15.65
N THR A 59 -19.88 -23.51 15.99
CA THR A 59 -20.73 -22.86 16.98
C THR A 59 -21.70 -21.86 16.36
N GLY A 60 -21.72 -21.73 15.04
CA GLY A 60 -22.60 -20.78 14.39
C GLY A 60 -21.85 -19.72 13.61
N LYS A 61 -22.14 -18.45 13.88
CA LYS A 61 -21.45 -17.36 13.24
C LYS A 61 -20.15 -17.05 13.97
N LEU A 62 -19.10 -16.76 13.20
CA LEU A 62 -17.83 -16.38 13.78
C LEU A 62 -17.88 -14.94 14.26
N PRO A 63 -17.68 -14.67 15.56
CA PRO A 63 -17.76 -13.30 16.06
C PRO A 63 -16.60 -12.41 15.63
N VAL A 64 -15.65 -12.95 14.88
CA VAL A 64 -14.47 -12.21 14.42
C VAL A 64 -14.22 -12.55 12.97
N PRO A 65 -13.50 -11.68 12.25
CA PRO A 65 -13.26 -11.95 10.82
C PRO A 65 -12.35 -13.15 10.62
N TRP A 66 -12.68 -13.96 9.61
CA TRP A 66 -11.85 -15.10 9.26
C TRP A 66 -10.39 -14.75 8.98
N PRO A 67 -10.05 -13.65 8.29
CA PRO A 67 -8.63 -13.37 8.03
C PRO A 67 -7.78 -13.18 9.29
N THR A 68 -8.39 -12.82 10.42
CA THR A 68 -7.61 -12.65 11.65
C THR A 68 -7.29 -13.98 12.32
N LEU A 69 -7.83 -15.09 11.84
CA LEU A 69 -7.58 -16.41 12.42
C LEU A 69 -6.63 -17.25 11.58
N VAL A 70 -6.20 -16.77 10.41
CA VAL A 70 -5.41 -17.60 9.50
C VAL A 70 -4.11 -18.03 10.17
N THR A 71 -3.39 -17.07 10.76
CA THR A 71 -2.12 -17.40 11.39
C THR A 71 -2.31 -18.33 12.58
N THR A 72 -3.40 -18.15 13.33
CA THR A 72 -3.67 -19.03 14.46
C THR A 72 -4.04 -20.43 13.99
N LEU A 73 -4.94 -20.52 13.02
CA LEU A 73 -5.39 -21.80 12.48
C LEU A 73 -4.28 -22.52 11.73
N VAL A 75 0.34 -24.27 11.12
CA VAL A 75 1.06 -25.53 10.97
C VAL A 75 2.32 -25.35 10.13
N GLN A 76 3.19 -24.45 10.59
CA GLN A 76 4.43 -24.13 9.90
C GLN A 76 5.40 -25.30 9.81
N CYS A 77 5.04 -26.48 10.32
CA CYS A 77 5.86 -27.66 10.11
C CYS A 77 5.81 -28.15 8.69
N PHE A 78 4.90 -27.62 7.86
CA PHE A 78 4.83 -27.95 6.45
C PHE A 78 5.56 -26.94 5.59
N ALA A 79 6.40 -26.10 6.18
CA ALA A 79 7.17 -25.13 5.40
C ALA A 79 8.13 -25.86 4.48
N ARG A 80 8.36 -25.27 3.30
CA ARG A 80 9.25 -25.84 2.30
C ARG A 80 10.67 -25.37 2.59
N TYR A 81 11.39 -26.15 3.38
CA TYR A 81 12.79 -25.85 3.64
C TYR A 81 13.67 -26.47 2.56
N PRO A 82 14.52 -25.69 1.90
CA PRO A 82 15.45 -26.26 0.92
C PRO A 82 16.44 -27.19 1.60
N ASP A 83 17.17 -27.92 0.76
CA ASP A 83 18.11 -28.93 1.28
C ASP A 83 19.16 -28.30 2.18
N HIS A 84 19.63 -27.11 1.82
CA HIS A 84 20.67 -26.45 2.60
C HIS A 84 20.14 -25.73 3.83
N MET A 85 18.83 -25.79 4.08
CA MET A 85 18.24 -25.21 5.28
C MET A 85 17.49 -26.23 6.12
N LYS A 86 17.51 -27.51 5.75
CA LYS A 86 16.82 -28.53 6.53
C LYS A 86 17.46 -28.75 7.89
N GLN A 87 18.71 -28.33 8.08
CA GLN A 87 19.31 -28.32 9.41
C GLN A 87 18.83 -27.15 10.25
N HIS A 88 17.94 -26.31 9.71
CA HIS A 88 17.40 -25.17 10.42
C HIS A 88 15.87 -25.27 10.55
N ASP A 89 15.31 -26.47 10.39
CA ASP A 89 13.87 -26.69 10.44
C ASP A 89 13.52 -27.13 11.85
N PHE A 90 13.23 -26.15 12.71
CA PHE A 90 12.81 -26.47 14.08
C PHE A 90 11.48 -27.19 14.09
N PHE A 91 10.53 -26.76 13.25
CA PHE A 91 9.17 -27.26 13.33
C PHE A 91 9.12 -28.77 13.11
N LYS A 92 9.80 -29.25 12.07
CA LYS A 92 9.77 -30.68 11.77
C LYS A 92 10.58 -31.49 12.78
N SER A 93 11.65 -30.91 13.33
CA SER A 93 12.52 -31.66 14.23
C SER A 93 11.79 -32.08 15.50
N ALA A 94 10.79 -31.31 15.91
CA ALA A 94 10.03 -31.62 17.12
C ALA A 94 8.99 -32.71 16.91
N MET A 95 8.83 -33.22 15.69
CA MET A 95 7.81 -34.21 15.39
C MET A 95 8.33 -35.62 15.69
N PRO A 96 7.44 -36.57 16.01
CA PRO A 96 5.97 -36.46 16.09
C PRO A 96 5.46 -35.93 17.43
N GLU A 97 6.31 -35.85 18.46
CA GLU A 97 5.85 -35.32 19.74
C GLU A 97 5.39 -33.88 19.63
N GLY A 98 5.92 -33.14 18.65
CA GLY A 98 5.39 -31.83 18.32
C GLY A 98 5.96 -30.71 19.17
N TYR A 99 5.34 -29.54 18.99
CA TYR A 99 5.76 -28.33 19.69
C TYR A 99 4.53 -27.57 20.16
N VAL A 100 4.75 -26.66 21.10
CA VAL A 100 3.73 -25.72 21.57
C VAL A 100 3.98 -24.38 20.90
N GLN A 101 2.97 -23.87 20.20
CA GLN A 101 3.06 -22.58 19.52
C GLN A 101 2.20 -21.58 20.27
N GLU A 102 2.84 -20.54 20.83
CA GLU A 102 2.15 -19.49 21.55
C GLU A 102 2.31 -18.17 20.83
N ARG A 103 1.24 -17.39 20.77
CA ARG A 103 1.25 -16.10 20.11
C ARG A 103 0.43 -15.09 20.90
N THR A 104 0.89 -13.84 20.88
CA THR A 104 0.07 -12.69 21.24
C THR A 104 -0.05 -11.80 20.01
N ILE A 105 -1.27 -11.57 19.55
CA ILE A 105 -1.54 -10.82 18.34
C ILE A 105 -2.15 -9.49 18.74
N PHE A 106 -1.35 -8.42 18.66
CA PHE A 106 -1.79 -7.08 19.05
C PHE A 106 -2.44 -6.41 17.84
N PHE A 107 -3.74 -6.20 17.90
CA PHE A 107 -4.46 -5.42 16.90
C PHE A 107 -4.40 -3.96 17.32
N LYS A 108 -3.73 -3.14 16.51
CA LYS A 108 -3.47 -1.76 16.90
C LYS A 108 -4.76 -1.01 17.15
N ASP A 109 -4.80 -0.27 18.26
CA ASP A 109 -5.97 0.52 18.67
C ASP A 109 -7.20 -0.37 18.89
N ASP A 110 -6.97 -1.62 19.26
CA ASP A 110 -8.07 -2.55 19.53
C ASP A 110 -7.54 -3.62 20.50
N GLY A 111 -8.24 -4.74 20.59
CA GLY A 111 -7.88 -5.79 21.51
C GLY A 111 -6.68 -6.59 21.05
N ASN A 112 -6.50 -7.75 21.69
CA ASN A 112 -5.38 -8.62 21.37
C ASN A 112 -5.80 -10.08 21.53
N TYR A 113 -5.22 -10.93 20.70
CA TYR A 113 -5.39 -12.37 20.81
C TYR A 113 -4.24 -12.97 21.61
N LYS A 114 -4.56 -13.96 22.43
CA LYS A 114 -3.55 -14.80 23.09
C LYS A 114 -3.87 -16.24 22.73
N THR A 115 -3.00 -16.87 21.96
CA THR A 115 -3.23 -18.21 21.44
C THR A 115 -2.16 -19.16 21.97
N ARG A 116 -2.60 -20.31 22.48
CA ARG A 116 -1.71 -21.41 22.83
C ARG A 116 -2.15 -22.65 22.05
N ALA A 117 -1.22 -23.25 21.32
CA ALA A 117 -1.54 -24.37 20.44
C ALA A 117 -0.51 -25.47 20.62
N GLU A 118 -0.98 -26.71 20.48
CA GLU A 118 -0.12 -27.89 20.47
C GLU A 118 -0.20 -28.50 19.07
N VAL A 119 0.89 -28.39 18.32
CA VAL A 119 0.99 -28.94 16.97
C VAL A 119 1.78 -30.24 17.08
N LYS A 120 1.09 -31.37 16.96
CA LYS A 120 1.74 -32.66 17.10
C LYS A 120 1.00 -33.69 16.25
N PHE A 121 1.69 -34.81 15.99
CA PHE A 121 1.10 -35.91 15.26
C PHE A 121 0.23 -36.75 16.18
N GLU A 122 -1.02 -36.98 15.78
CA GLU A 122 -1.94 -37.86 16.48
C GLU A 122 -2.29 -38.97 15.50
N GLY A 123 -1.61 -40.11 15.63
CA GLY A 123 -1.66 -41.11 14.58
C GLY A 123 -0.82 -40.65 13.41
N ASP A 124 -1.36 -40.80 12.20
CA ASP A 124 -0.70 -40.33 10.98
C ASP A 124 -1.22 -38.96 10.55
N THR A 125 -1.88 -38.23 11.44
CA THR A 125 -2.47 -36.94 11.14
C THR A 125 -1.79 -35.86 11.98
N LEU A 126 -1.34 -34.79 11.32
CA LEU A 126 -0.81 -33.63 12.01
C LEU A 126 -1.97 -32.79 12.52
N VAL A 127 -2.03 -32.59 13.84
CA VAL A 127 -3.16 -31.95 14.49
C VAL A 127 -2.71 -30.65 15.13
N ASN A 128 -3.50 -29.59 14.96
CA ASN A 128 -3.24 -28.28 15.54
C ASN A 128 -4.43 -27.92 16.43
N ARG A 129 -4.28 -28.13 17.73
CA ARG A 129 -5.32 -27.81 18.71
C ARG A 129 -4.96 -26.50 19.40
N ILE A 130 -5.78 -25.48 19.19
CA ILE A 130 -5.50 -24.13 19.65
C ILE A 130 -6.58 -23.69 20.64
N GLU A 131 -6.15 -22.94 21.66
CA GLU A 131 -7.05 -22.18 22.52
C GLU A 131 -6.75 -20.71 22.34
N LEU A 132 -7.78 -19.93 22.01
CA LEU A 132 -7.63 -18.52 21.72
C LEU A 132 -8.40 -17.71 22.76
N LYS A 133 -7.76 -16.67 23.28
CA LYS A 133 -8.39 -15.76 24.23
C LYS A 133 -8.19 -14.33 23.75
N GLY A 134 -9.28 -13.65 23.43
CA GLY A 134 -9.26 -12.26 23.00
C GLY A 134 -9.91 -11.37 24.05
N ILE A 135 -9.22 -10.29 24.40
CA ILE A 135 -9.67 -9.36 25.42
C ILE A 135 -9.52 -7.94 24.92
N ASP A 136 -10.24 -7.02 25.57
CA ASP A 136 -10.11 -5.58 25.36
C ASP A 136 -10.45 -5.18 23.92
N PHE A 137 -11.33 -5.92 23.27
CA PHE A 137 -11.82 -5.55 21.96
C PHE A 137 -13.03 -4.63 22.06
N LYS A 138 -13.10 -3.66 21.14
CA LYS A 138 -14.24 -2.78 21.05
C LYS A 138 -15.28 -3.39 20.11
N GLU A 139 -16.53 -3.45 20.58
CA GLU A 139 -17.59 -4.09 19.80
C GLU A 139 -17.82 -3.37 18.48
N ASP A 140 -17.52 -2.07 18.41
CA ASP A 140 -17.65 -1.29 17.19
C ASP A 140 -16.38 -1.27 16.36
N GLY A 141 -15.34 -1.99 16.77
CA GLY A 141 -14.07 -1.95 16.08
C GLY A 141 -14.04 -2.77 14.82
N ASN A 142 -12.86 -2.79 14.19
CA ASN A 142 -12.67 -3.48 12.93
C ASN A 142 -12.76 -5.00 13.06
N ILE A 143 -12.53 -5.53 14.26
CA ILE A 143 -12.52 -6.98 14.45
C ILE A 143 -13.93 -7.45 14.82
N LEU A 144 -14.44 -6.97 15.96
CA LEU A 144 -15.77 -7.38 16.38
C LEU A 144 -16.87 -6.87 15.46
N GLY A 145 -16.59 -5.81 14.70
CA GLY A 145 -17.56 -5.24 13.77
C GLY A 145 -17.51 -5.81 12.37
N HIS A 146 -16.63 -6.76 12.11
CA HIS A 146 -16.48 -7.40 10.79
C HIS A 146 -16.29 -6.35 9.69
N LYS A 147 -15.17 -5.63 9.79
CA LYS A 147 -14.87 -4.54 8.88
C LYS A 147 -13.61 -4.80 8.06
N LEU A 148 -13.21 -6.06 7.92
CA LEU A 148 -11.98 -6.41 7.23
C LEU A 148 -12.28 -7.18 5.96
N GLU A 149 -11.50 -6.91 4.91
CA GLU A 149 -11.64 -7.64 3.66
C GLU A 149 -11.35 -9.12 3.88
N TYR A 150 -11.98 -9.96 3.07
CA TYR A 150 -11.82 -11.41 3.16
C TYR A 150 -10.65 -11.82 2.26
N ASN A 151 -9.44 -11.62 2.78
CA ASN A 151 -8.22 -12.02 2.12
C ASN A 151 -7.08 -11.93 3.13
N LEU A 152 -5.90 -12.35 2.70
CA LEU A 152 -4.68 -12.19 3.47
C LEU A 152 -3.56 -11.82 2.49
N THR A 153 -3.74 -10.69 1.82
CA THR A 153 -2.83 -10.27 0.76
C THR A 153 -1.64 -9.53 1.35
N GLY A 154 -0.44 -10.02 1.06
CA GLY A 154 0.75 -9.33 1.51
C GLY A 154 1.01 -8.06 0.72
N ARG A 155 1.79 -7.17 1.34
CA ARG A 155 2.17 -5.89 0.74
C ARG A 155 3.61 -5.56 1.11
N SER A 156 4.54 -6.44 0.71
CA SER A 156 5.96 -6.28 1.07
C SER A 156 6.80 -6.61 -0.17
N MET A 157 7.16 -5.58 -0.92
CA MET A 157 8.19 -5.68 -1.95
C MET A 157 9.53 -5.69 -1.22
N ASP A 158 10.13 -6.87 -1.07
CA ASP A 158 11.19 -7.08 -0.08
C ASP A 158 12.52 -7.51 -0.70
N ILE A 159 12.61 -8.73 -1.24
CA ILE A 159 13.89 -9.32 -1.58
C ILE A 159 13.89 -9.78 -3.04
N THR A 160 15.07 -10.25 -3.47
CA THR A 160 15.20 -10.84 -4.79
C THR A 160 14.56 -12.22 -4.83
N GLU A 161 14.84 -13.05 -3.81
CA GLU A 161 14.23 -14.37 -3.62
C GLU A 161 14.06 -15.13 -4.93
N GLU A 162 15.16 -15.20 -5.69
CA GLU A 162 15.12 -15.77 -7.04
C GLU A 162 14.57 -17.18 -7.03
N ARG A 163 15.08 -18.02 -6.13
CA ARG A 163 14.60 -19.41 -6.05
C ARG A 163 13.10 -19.46 -5.81
N LEU A 164 12.58 -18.53 -5.01
CA LEU A 164 11.15 -18.53 -4.72
C LEU A 164 10.33 -18.12 -5.94
N HIS A 165 10.89 -17.27 -6.81
CA HIS A 165 10.21 -16.95 -8.06
C HIS A 165 10.12 -18.17 -8.96
N TYR A 166 11.19 -18.97 -9.01
CA TYR A 166 11.16 -20.20 -9.79
C TYR A 166 10.12 -21.17 -9.24
N GLN A 167 9.94 -21.19 -7.91
CA GLN A 167 8.99 -22.12 -7.30
C GLN A 167 7.56 -21.78 -7.67
N VAL A 168 7.24 -20.49 -7.77
CA VAL A 168 5.91 -20.11 -8.24
C VAL A 168 5.74 -20.48 -9.71
N GLY A 169 6.82 -20.39 -10.50
CA GLY A 169 6.77 -20.86 -11.87
C GLY A 169 6.48 -22.35 -11.94
N GLN A 170 7.20 -23.14 -11.13
CA GLN A 170 6.88 -24.56 -11.00
C GLN A 170 5.43 -24.76 -10.57
N ARG A 171 4.96 -23.94 -9.63
CA ARG A 171 3.58 -24.04 -9.17
C ARG A 171 2.59 -23.71 -10.28
N ALA A 172 2.92 -22.73 -11.12
CA ALA A 172 2.02 -22.35 -12.20
C ALA A 172 1.98 -23.41 -13.29
N LEU A 173 3.12 -24.06 -13.57
CA LEU A 173 3.15 -25.08 -14.60
C LEU A 173 2.45 -26.35 -14.15
N ILE A 174 2.56 -26.69 -12.87
CA ILE A 174 1.85 -27.85 -12.34
C ILE A 174 0.35 -27.68 -12.53
N GLN A 175 -0.17 -26.48 -12.25
CA GLN A 175 -1.60 -26.22 -12.43
C GLN A 175 -1.98 -26.27 -13.91
N ALA A 176 -1.19 -25.60 -14.76
CA ALA A 176 -1.51 -25.55 -16.18
C ALA A 176 -1.52 -26.95 -16.79
N MET A 177 -0.57 -27.80 -16.40
CA MET A 177 -0.54 -29.15 -16.93
C MET A 177 -1.68 -30.00 -16.38
N GLN A 178 -2.02 -29.84 -15.10
CA GLN A 178 -3.13 -30.57 -14.52
C GLN A 178 -4.46 -30.13 -15.13
N ILE A 179 -4.66 -28.82 -15.29
CA ILE A 179 -5.92 -28.31 -15.83
C ILE A 179 -6.07 -28.72 -17.29
N SER A 180 -5.00 -28.60 -18.08
CA SER A 180 -5.06 -28.96 -19.49
C SER A 180 -5.30 -30.44 -19.71
N ALA A 181 -5.02 -31.28 -18.72
CA ALA A 181 -5.23 -32.72 -18.84
C ALA A 181 -6.60 -33.16 -18.35
N MET A 182 -7.39 -32.26 -17.79
CA MET A 182 -8.72 -32.60 -17.28
C MET A 182 -9.62 -33.06 -18.43
N PRO A 183 -10.18 -34.27 -18.37
CA PRO A 183 -11.03 -34.73 -19.48
C PRO A 183 -12.24 -33.86 -19.73
N GLU A 184 -12.84 -33.29 -18.68
CA GLU A 184 -13.99 -32.42 -18.89
C GLU A 184 -13.60 -31.14 -19.62
N LEU A 185 -12.39 -30.64 -19.39
CA LEU A 185 -11.94 -29.44 -20.11
C LEU A 185 -11.64 -29.76 -21.57
N VAL A 186 -11.02 -30.92 -21.82
CA VAL A 186 -10.72 -31.32 -23.19
C VAL A 186 -12.00 -31.43 -24.01
N GLU A 187 -13.04 -32.04 -23.42
CA GLU A 187 -14.29 -32.17 -24.15
C GLU A 187 -14.96 -30.82 -24.33
N ALA A 188 -14.87 -29.95 -23.33
CA ALA A 188 -15.49 -28.62 -23.44
C ALA A 188 -14.78 -27.78 -24.49
N VAL A 189 -13.47 -27.92 -24.61
CA VAL A 189 -12.73 -27.19 -25.64
C VAL A 189 -13.08 -27.72 -27.02
N GLN A 190 -13.22 -29.04 -27.15
CA GLN A 190 -13.62 -29.63 -28.44
C GLN A 190 -14.96 -29.08 -28.90
N LYS A 191 -15.95 -29.10 -28.02
CA LYS A 191 -17.28 -28.57 -28.35
C LYS A 191 -17.34 -27.04 -28.28
N ARG A 192 -16.24 -26.40 -27.87
CA ARG A 192 -16.20 -24.95 -27.69
C ARG A 192 -17.35 -24.47 -26.80
N ASP A 193 -17.56 -25.20 -25.70
CA ASP A 193 -18.63 -24.91 -24.75
C ASP A 193 -18.09 -23.91 -23.74
N LEU A 194 -18.34 -22.62 -24.01
CA LEU A 194 -17.80 -21.56 -23.17
C LEU A 194 -18.36 -21.63 -21.76
N ALA A 195 -19.67 -21.87 -21.62
CA ALA A 195 -20.27 -21.95 -20.30
C ALA A 195 -19.74 -23.14 -19.52
N ARG A 196 -19.50 -24.27 -20.19
CA ARG A 196 -18.92 -25.43 -19.52
C ARG A 196 -17.48 -25.17 -19.11
N ILE A 197 -16.70 -24.51 -19.98
CA ILE A 197 -15.33 -24.15 -19.62
C ILE A 197 -15.32 -23.23 -18.42
N LYS A 198 -16.18 -22.22 -18.42
CA LYS A 198 -16.28 -21.29 -17.30
C LYS A 198 -16.66 -22.03 -16.02
N ALA A 199 -17.57 -23.01 -16.11
CA ALA A 199 -17.99 -23.74 -14.93
C ALA A 199 -16.88 -24.61 -14.37
N LEU A 200 -15.93 -25.03 -15.22
CA LEU A 200 -14.84 -25.88 -14.76
C LEU A 200 -13.70 -25.05 -14.18
N ILE A 201 -13.44 -23.87 -14.75
CA ILE A 201 -12.29 -23.08 -14.34
C ILE A 201 -12.60 -22.16 -13.17
N ASP A 202 -13.85 -21.70 -13.04
CA ASP A 202 -14.22 -20.79 -11.96
C ASP A 202 -13.88 -21.30 -10.57
N PRO A 203 -14.27 -22.52 -10.18
CA PRO A 203 -13.91 -22.97 -8.81
C PRO A 203 -12.42 -23.12 -8.60
N MET A 204 -11.70 -23.65 -9.60
CA MET A 204 -10.26 -23.80 -9.48
C MET A 204 -9.57 -22.45 -9.38
N ARG A 205 -10.10 -21.44 -10.07
CA ARG A 205 -9.49 -20.12 -10.04
C ARG A 205 -9.71 -19.44 -8.69
N SER A 206 -10.91 -19.60 -8.11
CA SER A 206 -11.18 -19.03 -6.80
C SER A 206 -10.29 -19.65 -5.73
N PHE A 207 -10.02 -20.95 -5.85
CA PHE A 207 -9.17 -21.63 -4.88
C PHE A 207 -7.69 -21.30 -5.08
N SER A 208 -7.25 -21.24 -6.34
CA SER A 208 -5.84 -21.05 -6.63
C SER A 208 -5.38 -19.66 -6.25
N ASP A 209 -4.11 -19.56 -5.85
CA ASP A 209 -3.48 -18.28 -5.57
C ASP A 209 -2.98 -17.59 -6.83
N ALA A 210 -3.19 -18.19 -8.00
CA ALA A 210 -2.76 -17.58 -9.25
C ALA A 210 -3.61 -16.35 -9.56
N THR A 211 -3.00 -15.39 -10.23
CA THR A 211 -3.72 -14.19 -10.61
C THR A 211 -4.81 -14.49 -11.63
N TYR A 212 -4.55 -15.44 -12.53
CA TYR A 212 -5.49 -15.72 -13.61
C TYR A 212 -5.27 -17.14 -14.13
N ILE A 213 -6.33 -17.68 -14.74
CA ILE A 213 -6.24 -18.88 -15.55
C ILE A 213 -6.86 -18.55 -16.90
N THR A 214 -6.10 -18.74 -17.97
CA THR A 214 -6.57 -18.47 -19.32
C THR A 214 -6.65 -19.78 -20.11
N VAL A 215 -7.76 -20.01 -20.77
CA VAL A 215 -7.96 -21.15 -21.65
C VAL A 215 -8.13 -20.63 -23.07
N GLY A 216 -7.26 -21.10 -23.98
CA GLY A 216 -7.34 -20.74 -25.37
C GLY A 216 -7.66 -21.96 -26.23
N ASP A 217 -8.03 -21.70 -27.48
CA ASP A 217 -8.30 -22.76 -28.43
C ASP A 217 -7.02 -23.10 -29.19
N ALA A 218 -7.15 -23.87 -30.27
CA ALA A 218 -5.99 -24.34 -31.01
C ALA A 218 -5.19 -23.21 -31.65
N SER A 219 -5.80 -22.04 -31.87
CA SER A 219 -5.13 -20.93 -32.50
C SER A 219 -4.82 -19.79 -31.53
N GLY A 220 -5.00 -20.02 -30.24
CA GLY A 220 -4.68 -19.01 -29.24
C GLY A 220 -5.79 -18.05 -28.91
N GLN A 221 -7.00 -18.26 -29.41
CA GLN A 221 -8.13 -17.39 -29.08
C GLN A 221 -8.71 -17.81 -27.74
N ARG A 222 -8.92 -16.84 -26.86
CA ARG A 222 -9.33 -17.13 -25.49
C ARG A 222 -10.73 -17.74 -25.47
N LEU A 223 -10.84 -18.92 -24.86
CA LEU A 223 -12.14 -19.49 -24.54
C LEU A 223 -12.59 -19.16 -23.11
N TYR A 224 -11.64 -18.80 -22.25
CA TYR A 224 -11.95 -18.36 -20.89
C TYR A 224 -10.92 -17.32 -20.47
N HIS A 225 -11.37 -16.36 -19.67
CA HIS A 225 -10.49 -15.32 -19.15
C HIS A 225 -11.15 -14.72 -17.92
N VAL A 226 -10.32 -14.20 -17.01
CA VAL A 226 -10.85 -13.60 -15.78
C VAL A 226 -11.73 -12.39 -16.10
N ASN A 227 -11.45 -11.71 -17.20
CA ASN A 227 -12.31 -10.64 -17.70
C ASN A 227 -13.10 -11.17 -18.88
N PRO A 228 -14.41 -11.34 -18.76
CA PRO A 228 -15.18 -11.97 -19.85
C PRO A 228 -15.09 -11.21 -21.18
N ASP A 229 -14.83 -9.90 -21.14
CA ASP A 229 -14.69 -9.14 -22.37
C ASP A 229 -13.43 -9.51 -23.15
N GLU A 230 -12.49 -10.24 -22.54
CA GLU A 230 -11.31 -10.72 -23.24
C GLU A 230 -11.52 -12.08 -23.89
N ILE A 231 -12.65 -12.75 -23.60
CA ILE A 231 -12.93 -14.03 -24.23
C ILE A 231 -13.17 -13.83 -25.73
N GLY A 232 -12.61 -14.72 -26.53
CA GLY A 232 -12.69 -14.63 -27.97
C GLY A 232 -11.54 -13.89 -28.62
N LYS A 233 -10.89 -12.98 -27.89
CA LYS A 233 -9.72 -12.29 -28.39
C LYS A 233 -8.50 -13.19 -28.28
N SER A 234 -7.42 -12.77 -28.95
CA SER A 234 -6.19 -13.53 -28.94
C SER A 234 -5.46 -13.35 -27.61
N MET A 235 -4.79 -14.41 -27.18
CA MET A 235 -3.95 -14.33 -26.00
C MET A 235 -2.75 -13.44 -26.28
N GLU A 236 -2.28 -12.76 -25.23
CA GLU A 236 -1.26 -11.73 -25.36
C GLU A 236 0.01 -12.16 -24.64
N GLY A 237 1.16 -11.83 -25.24
CA GLY A 237 2.45 -12.19 -24.69
C GLY A 237 3.39 -12.77 -25.73
N GLY A 238 2.83 -13.44 -26.73
CA GLY A 238 3.63 -14.03 -27.77
C GLY A 238 4.43 -15.24 -27.36
N ASP A 239 3.97 -15.98 -26.34
CA ASP A 239 4.68 -17.14 -25.84
C ASP A 239 3.78 -18.37 -25.77
N SER A 240 2.79 -18.44 -26.65
CA SER A 240 1.84 -19.55 -26.65
C SER A 240 2.09 -20.57 -27.76
N ASP A 241 2.92 -20.24 -28.75
CA ASP A 241 3.09 -21.11 -29.91
C ASP A 241 3.81 -22.41 -29.54
N GLU A 242 4.76 -22.35 -28.60
CA GLU A 242 5.50 -23.55 -28.22
C GLU A 242 4.59 -24.61 -27.61
N ALA A 243 3.44 -24.21 -27.04
CA ALA A 243 2.44 -25.16 -26.57
C ALA A 243 1.39 -25.46 -27.63
N LEU A 244 0.99 -24.45 -28.40
CA LEU A 244 -0.04 -24.65 -29.42
C LEU A 244 0.47 -25.49 -30.58
N ILE A 245 1.74 -25.32 -30.94
CA ILE A 245 2.31 -25.98 -32.11
C ILE A 245 3.17 -27.17 -31.71
N ASN A 246 4.06 -26.99 -30.74
CA ASN A 246 5.00 -28.03 -30.35
C ASN A 246 4.54 -28.85 -29.15
N ALA A 247 3.35 -28.55 -28.61
CA ALA A 247 2.77 -29.30 -27.50
C ALA A 247 3.69 -29.33 -26.27
N ALA A 248 4.45 -28.25 -26.06
CA ALA A 248 5.38 -28.18 -24.95
C ALA A 248 4.74 -27.51 -23.74
N SER A 249 5.21 -27.89 -22.56
CA SER A 249 4.81 -27.27 -21.31
C SER A 249 6.03 -26.58 -20.70
N TYR A 250 5.85 -25.33 -20.30
CA TYR A 250 6.99 -24.50 -19.92
C TYR A 250 6.51 -23.32 -19.08
N VAL A 251 7.47 -22.52 -18.63
CA VAL A 251 7.23 -21.31 -17.86
C VAL A 251 7.82 -20.13 -18.63
N SER A 252 7.08 -19.02 -18.65
CA SER A 252 7.50 -17.86 -19.42
C SER A 252 7.09 -16.59 -18.68
N VAL A 253 7.74 -15.48 -19.05
CA VAL A 253 7.45 -14.16 -18.50
C VAL A 253 7.16 -13.23 -19.68
N ARG A 254 5.89 -12.88 -19.86
CA ARG A 254 5.49 -11.98 -20.93
C ARG A 254 4.39 -11.07 -20.40
N LYS A 255 4.10 -10.01 -21.17
CA LYS A 255 3.06 -9.05 -20.81
C LYS A 255 1.75 -9.44 -21.46
N GLY A 256 0.76 -9.76 -20.65
CA GLY A 256 -0.58 -10.05 -21.11
C GLY A 256 -1.51 -8.87 -20.91
N SER A 257 -2.82 -9.15 -21.01
CA SER A 257 -3.80 -8.10 -20.78
C SER A 257 -3.75 -7.57 -19.35
N LEU A 258 -3.29 -8.39 -18.41
CA LEU A 258 -3.18 -8.01 -17.01
C LEU A 258 -1.78 -7.53 -16.65
N GLY A 259 -0.93 -7.27 -17.64
CA GLY A 259 0.42 -6.83 -17.39
C GLY A 259 1.42 -7.97 -17.47
N SER A 260 2.66 -7.63 -17.11
CA SER A 260 3.72 -8.63 -17.05
C SER A 260 3.40 -9.66 -15.98
N SER A 261 3.55 -10.94 -16.33
CA SER A 261 3.16 -12.00 -15.41
C SER A 261 4.06 -13.22 -15.60
N LEU A 262 4.23 -13.97 -14.51
CA LEU A 262 4.89 -15.26 -14.54
C LEU A 262 3.83 -16.33 -14.77
N ARG A 263 3.96 -17.08 -15.87
CA ARG A 263 2.88 -17.93 -16.35
C ARG A 263 3.40 -19.31 -16.71
N GLY A 264 2.63 -20.33 -16.36
CA GLY A 264 2.88 -21.69 -16.81
C GLY A 264 1.88 -22.05 -17.91
N LYS A 265 2.39 -22.67 -18.97
CA LYS A 265 1.58 -22.97 -20.14
C LYS A 265 1.67 -24.44 -20.49
N SER A 266 0.54 -25.04 -20.85
CA SER A 266 0.47 -26.43 -21.24
C SER A 266 -0.58 -26.59 -22.32
N PRO A 267 -0.35 -27.45 -23.31
CA PRO A 267 -1.34 -27.64 -24.36
C PRO A 267 -2.49 -28.52 -23.92
N ILE A 268 -3.65 -28.26 -24.52
CA ILE A 268 -4.82 -29.13 -24.40
C ILE A 268 -4.84 -30.05 -25.62
N GLN A 269 -4.83 -31.35 -25.37
CA GLN A 269 -4.72 -32.35 -26.44
C GLN A 269 -5.89 -33.32 -26.37
N ASP A 270 -6.38 -33.72 -27.53
CA ASP A 270 -7.44 -34.72 -27.59
C ASP A 270 -6.83 -36.11 -27.41
N ALA A 271 -7.63 -37.16 -27.64
CA ALA A 271 -7.15 -38.51 -27.40
C ALA A 271 -6.03 -38.90 -28.35
N THR A 272 -5.94 -38.26 -29.51
CA THR A 272 -4.91 -38.56 -30.49
C THR A 272 -3.64 -37.74 -30.29
N GLY A 273 -3.58 -36.90 -29.27
CA GLY A 273 -2.43 -36.07 -29.03
C GLY A 273 -2.40 -34.78 -29.82
N LYS A 274 -3.41 -34.52 -30.63
CA LYS A 274 -3.45 -33.27 -31.39
C LYS A 274 -3.78 -32.11 -30.45
N VAL A 275 -3.02 -31.02 -30.58
CA VAL A 275 -3.25 -29.85 -29.74
C VAL A 275 -4.56 -29.19 -30.15
N ILE A 276 -5.49 -29.09 -29.19
CA ILE A 276 -6.77 -28.43 -29.42
C ILE A 276 -6.93 -27.15 -28.61
N GLY A 277 -6.02 -26.87 -27.69
CA GLY A 277 -6.13 -25.68 -26.87
C GLY A 277 -4.88 -25.48 -26.04
N ILE A 278 -4.98 -24.54 -25.10
CA ILE A 278 -3.86 -24.18 -24.24
C ILE A 278 -4.40 -23.61 -22.95
N VAL A 279 -3.77 -23.99 -21.83
CA VAL A 279 -4.10 -23.46 -20.52
C VAL A 279 -2.91 -22.62 -20.05
N SER A 280 -3.21 -21.43 -19.54
CA SER A 280 -2.18 -20.53 -19.02
C SER A 280 -2.54 -20.16 -17.58
N VAL A 281 -1.70 -20.55 -16.65
CA VAL A 281 -1.85 -20.20 -15.23
C VAL A 281 -0.74 -19.21 -14.89
N GLY A 282 -1.12 -17.99 -14.54
CA GLY A 282 -0.17 -16.92 -14.41
C GLY A 282 -0.24 -16.20 -13.08
N TYR A 283 0.90 -15.63 -12.69
CA TYR A 283 1.03 -14.78 -11.52
C TYR A 283 1.65 -13.48 -11.97
N THR A 284 0.91 -12.38 -11.81
CA THR A 284 1.46 -11.08 -12.20
C THR A 284 2.71 -10.77 -11.41
N ILE A 285 3.61 -10.00 -12.03
CA ILE A 285 4.85 -9.61 -11.36
C ILE A 285 4.53 -8.81 -10.11
N GLU A 286 3.48 -7.98 -10.17
CA GLU A 286 3.08 -7.20 -9.00
C GLU A 286 2.71 -8.13 -7.84
N GLN A 287 1.81 -9.08 -8.07
CA GLN A 287 1.45 -10.03 -7.03
C GLN A 287 2.64 -10.90 -6.63
N LEU A 288 3.53 -11.19 -7.57
CA LEU A 288 4.67 -12.05 -7.28
C LEU A 288 5.62 -11.39 -6.27
N VAL A 289 5.83 -10.08 -6.40
CA VAL A 289 6.80 -9.38 -5.58
C VAL A 289 6.18 -8.72 -4.35
N THR A 290 4.85 -8.66 -4.25
CA THR A 290 4.18 -7.98 -3.16
C THR A 290 3.42 -8.91 -2.22
N ASN A 291 2.62 -9.83 -2.78
CA ASN A 291 1.74 -10.67 -1.97
C ASN A 291 2.54 -11.77 -1.29
N HIS A 292 3.15 -11.41 -0.16
CA HIS A 292 3.81 -12.38 0.71
C HIS A 292 4.18 -11.68 2.01
N PHE A 293 4.29 -12.48 3.06
CA PHE A 293 4.75 -12.04 4.37
C PHE A 293 5.99 -12.85 4.75
N ASN A 294 6.93 -12.20 5.44
CA ASN A 294 8.13 -12.87 5.92
C ASN A 294 8.06 -13.04 7.42
N VAL A 295 8.01 -14.30 7.87
CA VAL A 295 8.02 -14.63 9.30
C VAL A 295 9.47 -14.85 9.69
N TYR A 296 10.13 -13.80 10.18
CA TYR A 296 11.53 -13.89 10.55
C TYR A 296 11.69 -14.73 11.82
N ILE A 297 12.45 -15.81 11.72
CA ILE A 297 12.62 -16.77 12.80
C ILE A 297 14.01 -16.60 13.41
N THR A 298 14.07 -16.63 14.74
CA THR A 298 15.33 -16.64 15.47
C THR A 298 15.24 -17.69 16.57
N ALA A 299 16.39 -18.21 16.96
CA ALA A 299 16.44 -19.24 17.99
C ALA A 299 16.25 -18.63 19.37
N ASP A 300 15.61 -19.40 20.25
CA ASP A 300 15.47 -19.07 21.67
C ASP A 300 16.18 -20.20 22.41
N LYS A 301 17.48 -20.03 22.65
CA LYS A 301 18.29 -21.10 23.22
C LYS A 301 17.81 -21.49 24.61
N GLN A 302 17.48 -20.50 25.44
CA GLN A 302 17.08 -20.77 26.82
C GLN A 302 15.80 -21.59 26.86
N LYS A 303 14.79 -21.17 26.10
CA LYS A 303 13.52 -21.86 26.05
C LYS A 303 13.52 -23.04 25.08
N ASN A 304 14.68 -23.40 24.55
CA ASN A 304 14.86 -24.57 23.68
C ASN A 304 14.00 -24.50 22.42
N GLY A 305 13.60 -23.31 22.01
CA GLY A 305 12.75 -23.18 20.83
C GLY A 305 13.09 -22.00 19.95
N ILE A 306 12.08 -21.37 19.35
CA ILE A 306 12.27 -20.25 18.45
C ILE A 306 11.27 -19.15 18.78
N LYS A 307 11.55 -17.95 18.25
CA LYS A 307 10.67 -16.81 18.38
C LYS A 307 10.44 -16.20 17.00
N ALA A 308 9.27 -15.60 16.84
CA ALA A 308 8.89 -14.98 15.56
C ALA A 308 8.06 -13.74 15.84
N ASN A 309 8.43 -12.63 15.23
CA ASN A 309 7.74 -11.35 15.40
C ASN A 309 7.52 -10.75 14.02
N PHE A 310 6.30 -10.83 13.53
CA PHE A 310 5.93 -10.33 12.21
C PHE A 310 4.66 -9.49 12.32
N LYS A 311 4.37 -8.74 11.27
CA LYS A 311 3.24 -7.83 11.22
C LYS A 311 2.34 -8.18 10.05
N ILE A 312 1.03 -8.15 10.29
CA ILE A 312 0.01 -8.35 9.26
C ILE A 312 -0.93 -7.16 9.27
N ARG A 313 -1.19 -6.61 8.09
CA ARG A 313 -2.04 -5.42 7.93
C ARG A 313 -3.31 -5.83 7.19
N HIS A 314 -4.33 -6.18 7.96
CA HIS A 314 -5.63 -6.54 7.38
C HIS A 314 -6.26 -5.31 6.75
N ASN A 315 -6.59 -5.42 5.46
CA ASN A 315 -7.26 -4.33 4.76
C ASN A 315 -8.65 -4.10 5.34
N ILE A 316 -8.90 -2.88 5.81
CA ILE A 316 -10.22 -2.49 6.26
C ILE A 316 -11.09 -2.21 5.03
N GLU A 317 -12.35 -2.64 5.11
CA GLU A 317 -13.26 -2.44 3.98
C GLU A 317 -13.47 -0.95 3.74
N ASP A 318 -13.42 -0.55 2.47
CA ASP A 318 -13.59 0.84 2.03
C ASP A 318 -12.48 1.74 2.54
N GLY A 319 -11.28 1.20 2.75
CA GLY A 319 -10.14 2.03 3.08
C GLY A 319 -9.54 1.79 4.45
N GLY A 320 -8.22 1.90 4.56
CA GLY A 320 -7.53 1.75 5.82
C GLY A 320 -6.90 0.38 5.98
N VAL A 321 -6.03 0.28 6.97
CA VAL A 321 -5.32 -0.95 7.30
C VAL A 321 -5.45 -1.20 8.79
N GLN A 322 -5.66 -2.46 9.17
CA GLN A 322 -5.75 -2.87 10.57
C GLN A 322 -4.52 -3.72 10.89
N LEU A 323 -3.58 -3.14 11.62
CA LEU A 323 -2.34 -3.84 11.95
C LEU A 323 -2.62 -4.93 12.98
N ALA A 324 -2.04 -6.11 12.73
CA ALA A 324 -2.13 -7.26 13.63
C ALA A 324 -0.70 -7.68 13.95
N ASP A 325 -0.15 -7.11 15.02
CA ASP A 325 1.25 -7.35 15.39
C ASP A 325 1.36 -8.71 16.07
N HIS A 326 2.11 -9.62 15.45
CA HIS A 326 2.25 -10.99 15.95
C HIS A 326 3.55 -11.14 16.72
N TYR A 327 3.47 -11.80 17.87
CA TYR A 327 4.65 -12.17 18.66
C TYR A 327 4.53 -13.65 19.00
N GLN A 328 5.36 -14.47 18.35
CA GLN A 328 5.22 -15.91 18.34
C GLN A 328 6.34 -16.57 19.14
N GLN A 329 6.00 -17.71 19.76
CA GLN A 329 6.97 -18.53 20.48
C GLN A 329 6.64 -19.99 20.23
N ASN A 330 7.65 -20.77 19.89
CA ASN A 330 7.50 -22.21 19.67
C ASN A 330 8.50 -22.95 20.54
N THR A 331 8.01 -23.91 21.32
CA THR A 331 8.85 -24.70 22.22
C THR A 331 8.47 -26.17 22.08
N PRO A 332 9.45 -27.07 22.15
CA PRO A 332 9.16 -28.50 21.95
C PRO A 332 8.28 -29.06 23.05
N ILE A 333 7.48 -30.06 22.70
CA ILE A 333 6.66 -30.75 23.69
C ILE A 333 7.45 -31.84 24.39
N GLY A 334 8.31 -32.56 23.65
CA GLY A 334 9.10 -33.63 24.21
C GLY A 334 10.46 -33.16 24.67
N ASP A 335 11.25 -34.12 25.15
CA ASP A 335 12.60 -33.87 25.66
C ASP A 335 13.68 -34.14 24.64
N GLY A 336 13.34 -34.70 23.49
CA GLY A 336 14.32 -35.02 22.47
C GLY A 336 14.98 -33.78 21.91
N PRO A 337 16.10 -33.96 21.21
CA PRO A 337 16.81 -32.82 20.66
C PRO A 337 16.04 -32.19 19.50
N VAL A 338 16.19 -30.86 19.38
CA VAL A 338 15.51 -30.11 18.33
C VAL A 338 16.54 -29.22 17.65
N LEU A 339 16.22 -28.85 16.41
CA LEU A 339 17.09 -27.98 15.62
C LEU A 339 16.87 -26.53 16.02
N LEU A 340 17.89 -25.91 16.61
CA LEU A 340 17.86 -24.49 16.90
C LEU A 340 18.45 -23.75 15.69
N PRO A 341 17.63 -23.10 14.88
CA PRO A 341 18.12 -22.59 13.59
C PRO A 341 18.87 -21.29 13.71
N ASP A 342 19.71 -21.05 12.71
CA ASP A 342 20.21 -19.69 12.46
C ASP A 342 19.06 -18.81 11.97
N ASN A 343 19.31 -17.50 11.97
CA ASN A 343 18.28 -16.57 11.56
C ASN A 343 17.86 -16.80 10.11
N HIS A 344 16.57 -16.97 9.90
CA HIS A 344 15.99 -17.11 8.57
C HIS A 344 14.56 -16.60 8.62
N TYR A 345 13.80 -16.82 7.55
CA TYR A 345 12.41 -16.38 7.54
C TYR A 345 11.60 -17.33 6.66
N LEU A 346 10.29 -17.32 6.90
CA LEU A 346 9.33 -18.11 6.13
C LEU A 346 8.52 -17.17 5.25
N SER A 347 8.65 -17.33 3.94
CA SER A 347 7.84 -16.56 3.00
C SER A 347 6.49 -17.25 2.86
N THR A 348 5.43 -16.57 3.30
CA THR A 348 4.09 -17.16 3.35
C THR A 348 3.15 -16.41 2.42
N GLN A 349 2.40 -17.16 1.62
CA GLN A 349 1.39 -16.62 0.73
C GLN A 349 0.08 -17.36 0.98
N SER A 350 -1.02 -16.62 1.09
CA SER A 350 -2.31 -17.20 1.42
C SER A 350 -3.38 -16.73 0.44
N LYS A 351 -4.23 -17.65 0.03
CA LYS A 351 -5.39 -17.36 -0.81
C LYS A 351 -6.64 -17.80 -0.07
N LEU A 352 -7.46 -16.85 0.35
CA LEU A 352 -8.70 -17.14 1.06
C LEU A 352 -9.85 -17.24 0.07
N SER A 353 -10.63 -18.31 0.17
CA SER A 353 -11.75 -18.55 -0.73
C SER A 353 -12.89 -19.20 0.04
N LYS A 354 -13.98 -19.48 -0.67
CA LYS A 354 -15.18 -20.06 -0.07
C LYS A 354 -15.59 -21.31 -0.83
N ASP A 355 -16.08 -22.30 -0.09
CA ASP A 355 -16.73 -23.46 -0.70
C ASP A 355 -18.12 -23.08 -1.15
N PRO A 356 -18.43 -23.14 -2.46
CA PRO A 356 -19.76 -22.73 -2.92
C PRO A 356 -20.89 -23.63 -2.43
N ASN A 357 -20.59 -24.85 -1.98
CA ASN A 357 -21.60 -25.79 -1.51
C ASN A 357 -21.67 -25.86 0.00
N GLU A 358 -20.99 -24.96 0.71
CA GLU A 358 -20.96 -24.97 2.17
C GLU A 358 -21.88 -23.87 2.69
N LYS A 359 -22.93 -24.26 3.42
CA LYS A 359 -23.86 -23.29 3.99
C LYS A 359 -23.35 -22.70 5.30
N ARG A 360 -22.54 -23.45 6.04
CA ARG A 360 -22.03 -22.98 7.31
C ARG A 360 -20.94 -21.93 7.12
N ASP A 361 -20.74 -21.13 8.16
CA ASP A 361 -19.68 -20.13 8.14
C ASP A 361 -18.33 -20.81 8.07
N HIS A 362 -17.59 -20.54 7.00
CA HIS A 362 -16.41 -21.35 6.70
C HIS A 362 -15.35 -20.49 6.02
N MET A 363 -14.14 -21.04 5.95
CA MET A 363 -13.03 -20.44 5.22
C MET A 363 -12.22 -21.55 4.56
N VAL A 364 -12.01 -21.42 3.26
CA VAL A 364 -11.12 -22.30 2.50
C VAL A 364 -9.77 -21.61 2.37
N LEU A 365 -8.70 -22.34 2.67
CA LEU A 365 -7.36 -21.76 2.72
C LEU A 365 -6.43 -22.53 1.79
N LEU A 366 -5.81 -21.81 0.85
CA LEU A 366 -4.67 -22.29 0.09
C LEU A 366 -3.46 -21.47 0.49
N GLU A 367 -2.41 -22.14 0.93
CA GLU A 367 -1.28 -21.46 1.56
C GLU A 367 0.03 -22.10 1.13
N PHE A 368 1.03 -21.26 0.84
CA PHE A 368 2.37 -21.71 0.48
C PHE A 368 3.37 -21.06 1.43
N VAL A 369 4.11 -21.90 2.14
CA VAL A 369 5.10 -21.45 3.12
C VAL A 369 6.46 -22.01 2.70
N THR A 370 7.40 -21.12 2.44
CA THR A 370 8.73 -21.50 1.97
C THR A 370 9.78 -20.82 2.83
N ALA A 371 10.76 -21.60 3.29
CA ALA A 371 11.86 -21.06 4.06
C ALA A 371 12.90 -20.45 3.15
N ALA A 372 13.48 -19.33 3.60
CA ALA A 372 14.53 -18.65 2.84
C ALA A 372 15.35 -17.82 3.82
N GLY A 373 16.29 -17.06 3.29
CA GLY A 373 17.13 -16.19 4.08
C GLY A 373 18.51 -16.73 4.41
N ILE A 374 18.82 -17.96 4.00
CA ILE A 374 20.14 -18.54 4.19
C ILE A 374 20.64 -19.04 2.84
N THR A 375 21.75 -18.47 2.38
CA THR A 375 22.28 -18.84 1.08
C THR A 375 22.90 -20.23 1.13
N LEU A 376 23.22 -20.76 -0.05
CA LEU A 376 23.89 -22.05 -0.14
C LEU A 376 25.27 -22.00 0.49
N GLY A 377 25.92 -20.84 0.46
CA GLY A 377 27.21 -20.66 1.08
C GLY A 377 28.41 -20.82 0.17
N MET A 378 28.30 -20.46 -1.10
CA MET A 378 29.37 -20.72 -2.05
C MET A 378 30.48 -19.69 -2.03
N ASP A 379 30.29 -18.56 -1.34
CA ASP A 379 31.29 -17.50 -1.27
C ASP A 379 31.74 -17.02 -2.65
N HIS B 9 30.34 25.50 12.78
CA HIS B 9 30.57 24.10 12.47
C HIS B 9 29.98 23.75 11.11
N VAL B 10 30.40 22.63 10.55
CA VAL B 10 29.82 22.18 9.29
C VAL B 10 28.38 21.75 9.53
N SER B 11 27.47 22.27 8.73
CA SER B 11 26.05 21.98 8.91
C SER B 11 25.72 20.63 8.28
N LYS B 12 25.24 19.70 9.10
CA LYS B 12 24.87 18.37 8.64
C LYS B 12 23.47 18.04 9.10
N GLY B 13 22.75 17.30 8.26
CA GLY B 13 21.47 16.74 8.65
C GLY B 13 20.43 17.78 9.00
N GLU B 14 19.94 17.70 10.24
CA GLU B 14 18.85 18.55 10.70
C GLU B 14 19.19 20.03 10.61
N GLU B 15 20.47 20.39 10.79
CA GLU B 15 20.86 21.79 10.77
C GLU B 15 20.71 22.42 9.40
N LEU B 16 20.58 21.63 8.34
CA LEU B 16 20.52 22.17 6.99
C LEU B 16 19.13 22.67 6.61
N PHE B 17 18.11 22.31 7.38
CA PHE B 17 16.73 22.60 7.02
C PHE B 17 16.05 23.62 7.95
N THR B 18 16.82 24.29 8.80
CA THR B 18 16.23 25.25 9.74
C THR B 18 15.61 26.44 9.00
N GLY B 19 16.11 26.74 7.80
CA GLY B 19 15.58 27.85 7.02
C GLY B 19 14.97 27.39 5.71
N VAL B 20 14.70 28.36 4.84
CA VAL B 20 14.14 28.06 3.52
C VAL B 20 15.29 27.62 2.61
N VAL B 21 15.17 26.42 2.06
CA VAL B 21 16.21 25.78 1.27
C VAL B 21 15.77 25.76 -0.19
N PRO B 22 16.58 26.25 -1.12
CA PRO B 22 16.23 26.13 -2.55
C PRO B 22 16.23 24.68 -2.98
N ILE B 23 15.43 24.40 -4.01
CA ILE B 23 15.23 23.04 -4.50
C ILE B 23 15.38 23.02 -6.02
N LEU B 24 16.08 22.00 -6.52
CA LEU B 24 16.13 21.70 -7.94
C LEU B 24 15.72 20.25 -8.15
N VAL B 25 14.94 20.00 -9.19
CA VAL B 25 14.45 18.66 -9.51
C VAL B 25 14.67 18.41 -10.99
N GLU B 26 15.32 17.29 -11.32
CA GLU B 26 15.56 16.89 -12.70
C GLU B 26 15.08 15.46 -12.87
N LEU B 27 14.11 15.26 -13.77
CA LEU B 27 13.53 13.95 -14.03
C LEU B 27 13.73 13.59 -15.49
N ASP B 28 14.42 12.48 -15.72
CA ASP B 28 14.60 11.93 -17.08
CA ASP B 28 14.62 11.92 -17.06
C ASP B 28 13.80 10.63 -17.15
N GLY B 29 12.66 10.71 -17.85
CA GLY B 29 11.74 9.58 -17.89
C GLY B 29 11.62 8.86 -19.21
N ASP B 30 11.09 7.64 -19.14
CA ASP B 30 10.86 6.82 -20.34
C ASP B 30 9.66 5.95 -20.05
N VAL B 31 8.54 6.23 -20.71
CA VAL B 31 7.28 5.52 -20.49
C VAL B 31 6.84 4.95 -21.83
N ASN B 32 6.85 3.62 -21.95
CA ASN B 32 6.45 2.92 -23.17
C ASN B 32 7.21 3.46 -24.38
N GLY B 33 8.50 3.72 -24.20
CA GLY B 33 9.33 4.28 -25.24
C GLY B 33 9.27 5.78 -25.37
N HIS B 34 8.22 6.43 -24.86
CA HIS B 34 8.10 7.88 -24.91
C HIS B 34 9.04 8.50 -23.88
N LYS B 35 10.10 9.13 -24.36
CA LYS B 35 11.08 9.76 -23.47
C LYS B 35 10.71 11.22 -23.24
N PHE B 36 10.98 11.70 -22.03
CA PHE B 36 10.64 13.06 -21.65
C PHE B 36 11.56 13.51 -20.52
N SER B 37 11.64 14.82 -20.34
CA SER B 37 12.46 15.43 -19.31
C SER B 37 11.64 16.48 -18.57
N VAL B 38 11.81 16.54 -17.25
CA VAL B 38 11.12 17.51 -16.41
C VAL B 38 12.14 18.21 -15.53
N SER B 39 12.12 19.54 -15.56
CA SER B 39 12.98 20.36 -14.72
C SER B 39 12.11 21.09 -13.69
N GLY B 40 12.47 20.97 -12.42
CA GLY B 40 11.72 21.59 -11.35
C GLY B 40 12.61 22.46 -10.49
N GLU B 41 12.06 23.60 -10.06
CA GLU B 41 12.75 24.50 -9.17
C GLU B 41 11.77 25.04 -8.14
N GLY B 42 12.31 25.40 -6.97
CA GLY B 42 11.46 25.92 -5.91
C GLY B 42 12.21 25.99 -4.60
N GLU B 43 11.46 25.87 -3.51
CA GLU B 43 12.04 25.97 -2.18
C GLU B 43 11.22 25.15 -1.20
N GLY B 44 11.88 24.70 -0.14
CA GLY B 44 11.23 23.96 0.91
C GLY B 44 11.47 24.61 2.26
N ASP B 45 10.47 24.55 3.13
CA ASP B 45 10.55 25.11 4.48
C ASP B 45 10.12 24.02 5.45
N ALA B 46 11.11 23.27 5.96
CA ALA B 46 10.83 22.15 6.86
C ALA B 46 10.17 22.61 8.15
N THR B 47 10.33 23.88 8.53
CA THR B 47 9.64 24.41 9.70
C THR B 47 8.13 24.25 9.57
N TYR B 48 7.60 24.35 8.34
CA TYR B 48 6.18 24.17 8.09
C TYR B 48 5.90 22.96 7.21
N GLY B 49 6.91 22.15 6.92
CA GLY B 49 6.73 21.04 5.99
C GLY B 49 6.25 21.48 4.62
N LYS B 50 6.61 22.69 4.21
CA LYS B 50 6.00 23.34 3.06
C LYS B 50 6.90 23.23 1.84
N LEU B 51 6.31 22.84 0.72
CA LEU B 51 7.02 22.72 -0.55
C LEU B 51 6.35 23.62 -1.59
N THR B 52 7.14 24.50 -2.20
CA THR B 52 6.68 25.36 -3.28
C THR B 52 7.53 25.05 -4.50
N LEU B 53 6.98 24.30 -5.45
CA LEU B 53 7.73 23.80 -6.59
C LEU B 53 6.97 24.07 -7.88
N LYS B 54 7.73 24.38 -8.94
CA LYS B 54 7.20 24.50 -10.29
C LYS B 54 8.03 23.61 -11.21
N PHE B 55 7.35 22.73 -11.94
CA PHE B 55 8.00 21.80 -12.85
C PHE B 55 7.64 22.17 -14.28
N ILE B 56 8.59 21.95 -15.19
CA ILE B 56 8.41 22.24 -16.61
C ILE B 56 8.91 21.05 -17.42
N CYS B 57 8.08 20.56 -18.32
CA CYS B 57 8.48 19.49 -19.24
C CYS B 57 9.35 20.11 -20.33
N THR B 58 10.66 19.91 -20.23
CA THR B 58 11.62 20.52 -21.15
C THR B 58 11.71 19.80 -22.49
N THR B 59 10.91 18.77 -22.72
CA THR B 59 10.90 18.06 -23.99
C THR B 59 9.65 18.33 -24.82
N GLY B 60 8.71 19.12 -24.31
CA GLY B 60 7.48 19.38 -25.03
C GLY B 60 6.25 18.99 -24.23
N LYS B 61 5.35 18.23 -24.84
CA LYS B 61 4.18 17.75 -24.14
C LYS B 61 4.53 16.56 -23.26
N LEU B 62 4.00 16.56 -22.04
CA LEU B 62 4.25 15.45 -21.12
C LEU B 62 3.44 14.24 -21.56
N PRO B 63 4.07 13.09 -21.82
CA PRO B 63 3.31 11.92 -22.28
C PRO B 63 2.49 11.24 -21.20
N VAL B 64 2.57 11.70 -19.95
CA VAL B 64 1.80 11.13 -18.85
C VAL B 64 1.18 12.27 -18.06
N PRO B 65 0.11 12.01 -17.31
CA PRO B 65 -0.52 13.10 -16.55
C PRO B 65 0.39 13.58 -15.42
N TRP B 66 0.39 14.89 -15.22
CA TRP B 66 1.17 15.49 -14.14
C TRP B 66 0.89 14.90 -12.76
N PRO B 67 -0.36 14.63 -12.36
CA PRO B 67 -0.58 14.07 -11.01
C PRO B 67 0.13 12.75 -10.74
N THR B 68 0.44 11.96 -11.77
CA THR B 68 1.12 10.70 -11.56
C THR B 68 2.60 10.86 -11.26
N LEU B 69 3.16 12.05 -11.49
CA LEU B 69 4.58 12.30 -11.25
C LEU B 69 4.84 13.07 -9.97
N VAL B 70 3.80 13.40 -9.21
CA VAL B 70 3.97 14.24 -8.02
C VAL B 70 4.87 13.55 -7.00
N THR B 71 4.55 12.29 -6.67
CA THR B 71 5.36 11.57 -5.68
C THR B 71 6.78 11.35 -6.18
N THR B 72 6.95 11.15 -7.49
CA THR B 72 8.29 10.96 -8.03
C THR B 72 9.10 12.24 -7.98
N LEU B 73 8.51 13.35 -8.42
CA LEU B 73 9.17 14.64 -8.41
C LEU B 73 9.44 15.13 -6.99
N VAL B 75 10.94 14.92 -2.23
CA VAL B 75 11.88 15.57 -1.34
C VAL B 75 11.33 15.56 0.09
N GLN B 76 11.06 14.36 0.62
CA GLN B 76 10.39 14.20 1.90
C GLN B 76 11.32 14.59 3.05
N CYS B 77 12.53 15.05 2.72
CA CYS B 77 13.43 15.60 3.72
C CYS B 77 12.98 16.95 4.25
N PHE B 78 11.96 17.56 3.63
CA PHE B 78 11.36 18.79 4.12
C PHE B 78 10.12 18.54 4.97
N ALA B 79 9.90 17.29 5.41
CA ALA B 79 8.77 16.99 6.26
C ALA B 79 8.89 17.71 7.60
N ARG B 80 7.74 18.11 8.14
CA ARG B 80 7.70 18.81 9.42
C ARG B 80 7.66 17.78 10.53
N TYR B 81 8.83 17.44 11.05
CA TYR B 81 8.95 16.53 12.19
C TYR B 81 8.85 17.33 13.49
N PRO B 82 7.90 17.03 14.37
CA PRO B 82 7.83 17.72 15.65
C PRO B 82 9.08 17.43 16.49
N ASP B 83 9.27 18.26 17.52
CA ASP B 83 10.48 18.15 18.33
C ASP B 83 10.63 16.76 18.94
N HIS B 84 9.53 16.14 19.33
CA HIS B 84 9.57 14.81 19.93
C HIS B 84 9.64 13.69 18.89
N MET B 85 9.79 14.03 17.61
CA MET B 85 9.98 13.03 16.57
C MET B 85 11.20 13.29 15.70
N LYS B 86 12.01 14.30 16.02
CA LYS B 86 13.19 14.60 15.22
C LYS B 86 14.25 13.52 15.33
N GLN B 87 14.19 12.66 16.35
CA GLN B 87 15.06 11.50 16.43
C GLN B 87 14.60 10.37 15.52
N HIS B 88 13.55 10.60 14.71
CA HIS B 88 13.03 9.61 13.78
C HIS B 88 13.03 10.15 12.35
N ASP B 89 13.80 11.20 12.07
CA ASP B 89 13.83 11.82 10.75
C ASP B 89 14.99 11.22 9.97
N PHE B 90 14.74 10.10 9.30
CA PHE B 90 15.76 9.48 8.46
C PHE B 90 16.17 10.39 7.32
N PHE B 91 15.20 11.08 6.71
CA PHE B 91 15.45 11.86 5.51
C PHE B 91 16.50 12.94 5.76
N LYS B 92 16.35 13.69 6.85
CA LYS B 92 17.31 14.75 7.15
C LYS B 92 18.64 14.18 7.62
N SER B 93 18.60 13.09 8.39
CA SER B 93 19.82 12.54 8.98
C SER B 93 20.83 12.10 7.92
N ALA B 94 20.39 11.82 6.70
CA ALA B 94 21.26 11.40 5.63
C ALA B 94 21.89 12.56 4.87
N MET B 95 21.61 13.81 5.27
CA MET B 95 22.11 14.97 4.57
C MET B 95 23.44 15.44 5.16
N PRO B 96 24.30 16.09 4.36
CA PRO B 96 24.11 16.50 2.96
C PRO B 96 24.48 15.44 1.92
N GLU B 97 25.04 14.29 2.33
CA GLU B 97 25.34 13.24 1.36
C GLU B 97 24.07 12.75 0.67
N GLY B 98 22.99 12.65 1.42
CA GLY B 98 21.69 12.34 0.83
C GLY B 98 21.35 10.87 0.89
N TYR B 99 20.24 10.55 0.22
CA TYR B 99 19.74 9.19 0.16
C TYR B 99 19.27 8.87 -1.25
N VAL B 100 19.16 7.58 -1.55
CA VAL B 100 18.58 7.10 -2.80
C VAL B 100 17.12 6.73 -2.53
N GLN B 101 16.21 7.32 -3.29
CA GLN B 101 14.79 7.03 -3.17
C GLN B 101 14.37 6.23 -4.40
N GLU B 102 13.98 4.98 -4.17
CA GLU B 102 13.53 4.08 -5.22
C GLU B 102 12.07 3.73 -5.01
N ARG B 103 11.31 3.68 -6.10
CA ARG B 103 9.89 3.38 -6.03
C ARG B 103 9.47 2.52 -7.21
N THR B 104 8.49 1.66 -6.97
CA THR B 104 7.72 1.00 -8.02
C THR B 104 6.27 1.40 -7.82
N ILE B 105 5.67 2.03 -8.82
CA ILE B 105 4.31 2.54 -8.74
C ILE B 105 3.45 1.71 -9.67
N PHE B 106 2.66 0.81 -9.11
CA PHE B 106 1.77 -0.06 -9.88
C PHE B 106 0.47 0.68 -10.15
N PHE B 107 0.22 1.00 -11.42
CA PHE B 107 -1.05 1.57 -11.83
C PHE B 107 -2.00 0.42 -12.15
N LYS B 108 -3.09 0.31 -11.39
CA LYS B 108 -3.99 -0.83 -11.49
C LYS B 108 -4.55 -0.95 -12.90
N ASP B 109 -4.46 -2.15 -13.46
CA ASP B 109 -4.94 -2.45 -14.82
C ASP B 109 -4.24 -1.57 -15.84
N ASP B 110 -2.97 -1.29 -15.62
CA ASP B 110 -2.16 -0.47 -16.52
C ASP B 110 -0.70 -0.75 -16.23
N GLY B 111 0.18 0.10 -16.77
CA GLY B 111 1.61 -0.07 -16.59
C GLY B 111 2.05 0.31 -15.19
N ASN B 112 3.37 0.42 -15.04
CA ASN B 112 3.96 0.76 -13.75
C ASN B 112 5.17 1.65 -13.96
N TYR B 113 5.38 2.55 -13.00
CA TYR B 113 6.58 3.36 -12.94
C TYR B 113 7.62 2.70 -12.04
N LYS B 114 8.88 2.72 -12.47
CA LYS B 114 10.01 2.30 -11.65
C LYS B 114 11.02 3.43 -11.60
N THR B 115 11.18 4.04 -10.43
CA THR B 115 11.95 5.28 -10.30
C THR B 115 13.12 5.06 -9.36
N ARG B 116 14.26 5.65 -9.72
CA ARG B 116 15.42 5.75 -8.84
C ARG B 116 15.83 7.21 -8.77
N ALA B 117 15.97 7.73 -7.55
CA ALA B 117 16.24 9.14 -7.35
C ALA B 117 17.29 9.33 -6.28
N GLU B 118 18.20 10.27 -6.52
CA GLU B 118 19.21 10.67 -5.54
C GLU B 118 18.82 12.05 -5.01
N VAL B 119 18.44 12.11 -3.74
CA VAL B 119 18.09 13.36 -3.07
C VAL B 119 19.27 13.76 -2.21
N LYS B 120 19.97 14.82 -2.61
CA LYS B 120 21.16 15.25 -1.87
C LYS B 120 21.37 16.74 -2.06
N PHE B 121 22.20 17.30 -1.19
CA PHE B 121 22.57 18.71 -1.29
C PHE B 121 23.71 18.88 -2.29
N GLU B 122 23.51 19.75 -3.26
CA GLU B 122 24.56 20.16 -4.19
C GLU B 122 24.82 21.65 -3.93
N GLY B 123 25.84 21.93 -3.12
CA GLY B 123 26.05 23.29 -2.66
C GLY B 123 25.02 23.63 -1.61
N ASP B 124 24.33 24.75 -1.79
CA ASP B 124 23.28 25.19 -0.90
C ASP B 124 21.89 24.74 -1.35
N THR B 125 21.81 23.93 -2.41
CA THR B 125 20.55 23.53 -3.00
C THR B 125 20.31 22.04 -2.77
N LEU B 126 19.09 21.70 -2.34
CA LEU B 126 18.68 20.30 -2.26
C LEU B 126 18.19 19.87 -3.64
N VAL B 127 18.87 18.89 -4.23
CA VAL B 127 18.62 18.46 -5.60
C VAL B 127 18.03 17.07 -5.60
N ASN B 128 17.00 16.87 -6.44
CA ASN B 128 16.35 15.57 -6.63
C ASN B 128 16.48 15.18 -8.09
N ARG B 129 17.38 14.24 -8.38
CA ARG B 129 17.62 13.76 -9.73
C ARG B 129 17.06 12.35 -9.85
N ILE B 130 16.10 12.17 -10.78
CA ILE B 130 15.33 10.94 -10.87
C ILE B 130 15.47 10.35 -12.26
N GLU B 131 15.52 9.02 -12.31
CA GLU B 131 15.29 8.26 -13.54
C GLU B 131 13.96 7.53 -13.41
N LEU B 132 13.08 7.71 -14.39
CA LEU B 132 11.79 7.03 -14.41
C LEU B 132 11.73 6.11 -15.62
N LYS B 133 11.35 4.87 -15.39
CA LYS B 133 11.18 3.88 -16.46
C LYS B 133 9.80 3.26 -16.31
N GLY B 134 8.90 3.60 -17.24
CA GLY B 134 7.55 3.04 -17.26
C GLY B 134 7.43 1.99 -18.35
N ILE B 135 6.77 0.89 -18.01
CA ILE B 135 6.59 -0.23 -18.92
C ILE B 135 5.15 -0.74 -18.83
N ASP B 136 4.73 -1.45 -19.88
CA ASP B 136 3.46 -2.19 -19.92
C ASP B 136 2.24 -1.29 -19.83
N PHE B 137 2.34 -0.05 -20.34
CA PHE B 137 1.22 0.87 -20.28
C PHE B 137 0.32 0.72 -21.50
N LYS B 138 -0.98 0.97 -21.29
CA LYS B 138 -1.93 1.02 -22.39
C LYS B 138 -1.87 2.38 -23.05
N GLU B 139 -1.68 2.39 -24.38
CA GLU B 139 -1.70 3.65 -25.12
C GLU B 139 -3.08 4.29 -25.08
N ASP B 140 -4.13 3.49 -24.91
CA ASP B 140 -5.49 3.98 -24.79
C ASP B 140 -5.95 4.08 -23.34
N GLY B 141 -5.04 3.90 -22.39
CA GLY B 141 -5.39 3.87 -20.98
C GLY B 141 -5.50 5.26 -20.37
N ASN B 142 -5.70 5.26 -19.05
CA ASN B 142 -5.89 6.51 -18.31
C ASN B 142 -4.61 7.33 -18.18
N ILE B 143 -3.45 6.70 -18.33
CA ILE B 143 -2.18 7.41 -18.14
C ILE B 143 -1.69 7.94 -19.48
N LEU B 144 -1.43 7.05 -20.43
CA LEU B 144 -0.98 7.49 -21.74
C LEU B 144 -2.06 8.24 -22.50
N GLY B 145 -3.32 8.08 -22.13
CA GLY B 145 -4.41 8.80 -22.74
C GLY B 145 -4.80 10.09 -22.05
N HIS B 146 -4.08 10.47 -20.99
CA HIS B 146 -4.34 11.70 -20.24
C HIS B 146 -5.81 11.80 -19.81
N LYS B 147 -6.25 10.79 -19.06
CA LYS B 147 -7.65 10.71 -18.62
C LYS B 147 -7.81 10.97 -17.13
N LEU B 148 -6.85 11.64 -16.51
CA LEU B 148 -6.87 11.88 -15.08
C LEU B 148 -7.10 13.35 -14.78
N GLU B 149 -7.88 13.63 -13.74
CA GLU B 149 -8.10 15.01 -13.32
C GLU B 149 -6.79 15.63 -12.85
N TYR B 150 -6.68 16.95 -13.06
CA TYR B 150 -5.48 17.69 -12.65
C TYR B 150 -5.65 18.08 -11.18
N ASN B 151 -5.38 17.11 -10.30
CA ASN B 151 -5.42 17.31 -8.86
C ASN B 151 -4.74 16.11 -8.20
N LEU B 152 -4.62 16.18 -6.88
CA LEU B 152 -4.13 15.07 -6.07
C LEU B 152 -5.09 14.91 -4.90
N THR B 153 -6.22 14.27 -5.17
CA THR B 153 -7.29 14.12 -4.18
C THR B 153 -7.06 12.85 -3.36
N GLY B 154 -6.93 13.02 -2.04
CA GLY B 154 -6.82 11.88 -1.16
C GLY B 154 -8.16 11.41 -0.65
N ARG B 155 -8.17 10.19 -0.13
CA ARG B 155 -9.35 9.60 0.50
C ARG B 155 -8.94 8.99 1.85
N SER B 156 -8.37 9.83 2.70
CA SER B 156 -7.86 9.37 3.98
C SER B 156 -8.99 8.85 4.87
N MET B 157 -8.86 7.61 5.33
CA MET B 157 -9.77 7.04 6.29
C MET B 157 -9.22 7.03 7.70
N ASP B 158 -7.92 7.27 7.87
CA ASP B 158 -7.30 7.27 9.18
C ASP B 158 -7.78 8.47 9.98
N ILE B 159 -7.63 8.36 11.30
CA ILE B 159 -7.94 9.47 12.19
C ILE B 159 -6.77 10.45 12.18
N THR B 160 -7.08 11.74 12.28
CA THR B 160 -6.07 12.78 12.28
C THR B 160 -5.70 13.17 13.70
N GLU B 161 -4.50 13.73 13.85
CA GLU B 161 -4.04 14.25 15.13
C GLU B 161 -4.38 15.72 15.23
N GLU B 162 -4.87 16.12 16.41
CA GLU B 162 -5.26 17.52 16.63
C GLU B 162 -4.09 18.46 16.42
N ARG B 163 -2.87 18.02 16.77
CA ARG B 163 -1.68 18.84 16.55
C ARG B 163 -1.55 19.26 15.09
N LEU B 164 -1.91 18.38 14.16
CA LEU B 164 -1.82 18.74 12.75
C LEU B 164 -2.91 19.71 12.35
N HIS B 165 -4.06 19.68 13.04
CA HIS B 165 -5.12 20.63 12.75
C HIS B 165 -4.76 22.03 13.24
N TYR B 166 -4.00 22.11 14.33
CA TYR B 166 -3.47 23.40 14.76
C TYR B 166 -2.55 23.98 13.71
N GLN B 167 -1.73 23.14 13.08
CA GLN B 167 -0.81 23.61 12.06
C GLN B 167 -1.56 24.10 10.83
N VAL B 168 -2.69 23.46 10.49
CA VAL B 168 -3.52 23.95 9.38
C VAL B 168 -4.11 25.32 9.72
N GLY B 169 -4.63 25.46 10.93
CA GLY B 169 -5.11 26.76 11.37
C GLY B 169 -3.99 27.78 11.43
N GLN B 170 -2.78 27.34 11.81
CA GLN B 170 -1.63 28.23 11.82
C GLN B 170 -1.37 28.81 10.44
N ARG B 171 -1.27 27.95 9.43
CA ARG B 171 -1.01 28.44 8.08
C ARG B 171 -2.26 29.08 7.46
N ALA B 172 -3.45 28.75 7.96
CA ALA B 172 -4.65 29.47 7.52
C ALA B 172 -4.62 30.90 8.02
N LEU B 173 -4.29 31.10 9.30
CA LEU B 173 -4.18 32.45 9.84
C LEU B 173 -3.03 33.21 9.20
N ILE B 174 -1.93 32.51 8.91
CA ILE B 174 -0.81 33.12 8.21
C ILE B 174 -1.28 33.74 6.89
N GLN B 175 -1.90 32.92 6.04
CA GLN B 175 -2.37 33.41 4.75
C GLN B 175 -3.37 34.55 4.90
N ALA B 176 -4.27 34.46 5.90
CA ALA B 176 -5.23 35.52 6.13
C ALA B 176 -4.54 36.83 6.47
N MET B 177 -3.43 36.76 7.23
CA MET B 177 -2.72 37.98 7.61
C MET B 177 -1.86 38.50 6.47
N GLN B 178 -1.26 37.60 5.67
CA GLN B 178 -0.51 38.04 4.51
C GLN B 178 -1.41 38.70 3.49
N ILE B 179 -2.57 38.09 3.22
CA ILE B 179 -3.46 38.60 2.17
C ILE B 179 -4.08 39.91 2.60
N SER B 180 -4.56 40.00 3.84
CA SER B 180 -5.19 41.23 4.32
C SER B 180 -4.23 42.40 4.37
N ALA B 181 -2.93 42.14 4.48
CA ALA B 181 -1.92 43.19 4.51
C ALA B 181 -1.40 43.58 3.14
N MET B 182 -1.87 42.93 2.09
CA MET B 182 -1.43 43.27 0.74
C MET B 182 -1.91 44.66 0.37
N PRO B 183 -1.03 45.57 -0.06
CA PRO B 183 -1.48 46.95 -0.35
C PRO B 183 -2.48 47.02 -1.49
N GLU B 184 -2.30 46.22 -2.53
CA GLU B 184 -3.22 46.24 -3.65
C GLU B 184 -4.61 45.76 -3.24
N LEU B 185 -4.70 44.84 -2.27
CA LEU B 185 -6.00 44.44 -1.76
C LEU B 185 -6.64 45.55 -0.93
N VAL B 186 -5.83 46.23 -0.12
CA VAL B 186 -6.34 47.35 0.67
C VAL B 186 -6.90 48.43 -0.26
N GLU B 187 -6.17 48.76 -1.31
CA GLU B 187 -6.65 49.77 -2.25
C GLU B 187 -7.89 49.28 -2.99
N ALA B 188 -7.93 48.00 -3.34
CA ALA B 188 -9.09 47.46 -4.05
C ALA B 188 -10.33 47.50 -3.18
N VAL B 189 -10.20 47.18 -1.89
CA VAL B 189 -11.34 47.25 -0.99
C VAL B 189 -11.79 48.70 -0.79
N GLN B 190 -10.82 49.61 -0.66
CA GLN B 190 -11.14 51.03 -0.54
C GLN B 190 -11.94 51.51 -1.73
N LYS B 191 -11.44 51.25 -2.94
CA LYS B 191 -12.12 51.66 -4.16
C LYS B 191 -13.26 50.72 -4.54
N ARG B 192 -13.51 49.68 -3.74
CA ARG B 192 -14.61 48.74 -3.95
C ARG B 192 -14.60 48.19 -5.38
N ASP B 193 -13.42 47.78 -5.82
CA ASP B 193 -13.21 47.24 -7.17
C ASP B 193 -13.26 45.71 -7.04
N LEU B 194 -14.44 45.14 -7.27
CA LEU B 194 -14.62 43.70 -7.11
C LEU B 194 -13.81 42.92 -8.16
N ALA B 195 -13.73 43.45 -9.39
CA ALA B 195 -12.92 42.79 -10.40
C ALA B 195 -11.44 42.83 -10.05
N ARG B 196 -10.99 43.88 -9.36
CA ARG B 196 -9.60 43.93 -8.93
C ARG B 196 -9.33 42.95 -7.80
N ILE B 197 -10.28 42.84 -6.85
CA ILE B 197 -10.14 41.88 -5.77
C ILE B 197 -10.10 40.46 -6.34
N LYS B 198 -10.96 40.18 -7.33
CA LYS B 198 -10.99 38.86 -7.93
C LYS B 198 -9.67 38.53 -8.61
N ALA B 199 -9.10 39.48 -9.36
CA ALA B 199 -7.82 39.23 -10.02
C ALA B 199 -6.68 39.02 -9.04
N LEU B 200 -6.85 39.47 -7.80
CA LEU B 200 -5.81 39.28 -6.78
C LEU B 200 -5.93 37.93 -6.10
N ILE B 201 -7.15 37.56 -5.69
CA ILE B 201 -7.33 36.36 -4.88
C ILE B 201 -7.37 35.09 -5.73
N ASP B 202 -7.84 35.18 -6.98
CA ASP B 202 -7.89 34.01 -7.86
C ASP B 202 -6.56 33.29 -7.98
N PRO B 203 -5.43 33.95 -8.25
CA PRO B 203 -4.17 33.19 -8.33
C PRO B 203 -3.74 32.61 -6.99
N MET B 204 -3.93 33.35 -5.90
CA MET B 204 -3.53 32.84 -4.59
C MET B 204 -4.41 31.69 -4.14
N ARG B 205 -5.71 31.75 -4.48
CA ARG B 205 -6.60 30.67 -4.12
C ARG B 205 -6.31 29.41 -4.92
N SER B 206 -5.92 29.56 -6.19
CA SER B 206 -5.54 28.40 -6.99
C SER B 206 -4.29 27.74 -6.43
N PHE B 207 -3.33 28.55 -5.99
CA PHE B 207 -2.08 28.01 -5.48
C PHE B 207 -2.27 27.37 -4.10
N SER B 208 -3.05 28.01 -3.24
CA SER B 208 -3.19 27.57 -1.87
C SER B 208 -4.00 26.28 -1.78
N ASP B 209 -3.64 25.45 -0.80
CA ASP B 209 -4.39 24.24 -0.48
C ASP B 209 -5.66 24.55 0.31
N ALA B 210 -5.92 25.82 0.62
CA ALA B 210 -7.12 26.18 1.34
C ALA B 210 -8.37 25.88 0.51
N THR B 211 -9.45 25.53 1.21
CA THR B 211 -10.70 25.24 0.51
C THR B 211 -11.33 26.51 -0.05
N TYR B 212 -11.05 27.67 0.55
CA TYR B 212 -11.66 28.90 0.11
C TYR B 212 -10.87 30.08 0.66
N ILE B 213 -11.08 31.24 0.03
CA ILE B 213 -10.60 32.52 0.54
C ILE B 213 -11.73 33.53 0.35
N THR B 214 -12.21 34.10 1.45
CA THR B 214 -13.30 35.06 1.43
C THR B 214 -12.79 36.43 1.83
N VAL B 215 -13.17 37.45 1.05
CA VAL B 215 -12.88 38.84 1.36
C VAL B 215 -14.20 39.56 1.60
N GLY B 216 -14.35 40.15 2.78
CA GLY B 216 -15.55 40.90 3.10
C GLY B 216 -15.25 42.38 3.25
N ASP B 217 -16.28 43.22 3.24
CA ASP B 217 -16.09 44.64 3.45
C ASP B 217 -16.06 44.95 4.94
N ALA B 218 -16.25 46.22 5.30
CA ALA B 218 -16.17 46.62 6.70
C ALA B 218 -17.30 46.04 7.54
N SER B 219 -18.37 45.55 6.91
CA SER B 219 -19.52 45.03 7.63
C SER B 219 -19.74 43.54 7.38
N GLY B 220 -18.79 42.86 6.74
CA GLY B 220 -18.91 41.43 6.50
C GLY B 220 -19.61 41.05 5.22
N GLN B 221 -19.89 42.00 4.33
CA GLN B 221 -20.48 41.68 3.04
C GLN B 221 -19.39 41.16 2.11
N ARG B 222 -19.61 39.98 1.53
CA ARG B 222 -18.59 39.32 0.74
C ARG B 222 -18.26 40.12 -0.52
N LEU B 223 -17.02 40.58 -0.63
CA LEU B 223 -16.52 41.16 -1.86
C LEU B 223 -15.91 40.13 -2.79
N TYR B 224 -15.52 38.98 -2.26
CA TYR B 224 -14.99 37.87 -3.04
C TYR B 224 -15.41 36.56 -2.39
N HIS B 225 -15.67 35.55 -3.20
CA HIS B 225 -16.01 34.22 -2.70
C HIS B 225 -15.75 33.20 -3.79
N VAL B 226 -15.53 31.95 -3.37
CA VAL B 226 -15.26 30.87 -4.34
C VAL B 226 -16.48 30.61 -5.20
N ASN B 227 -17.67 30.92 -4.69
CA ASN B 227 -18.91 30.81 -5.45
C ASN B 227 -19.43 32.22 -5.71
N PRO B 228 -19.46 32.68 -6.97
CA PRO B 228 -19.88 34.06 -7.24
C PRO B 228 -21.27 34.38 -6.75
N ASP B 229 -22.13 33.39 -6.55
CA ASP B 229 -23.46 33.64 -6.01
C ASP B 229 -23.43 34.15 -4.57
N GLU B 230 -22.33 33.93 -3.85
CA GLU B 230 -22.21 34.37 -2.47
C GLU B 230 -21.63 35.77 -2.34
N ILE B 231 -21.10 36.35 -3.43
CA ILE B 231 -20.62 37.72 -3.38
C ILE B 231 -21.79 38.66 -3.20
N GLY B 232 -21.64 39.63 -2.28
CA GLY B 232 -22.71 40.53 -1.94
C GLY B 232 -23.53 40.10 -0.73
N LYS B 233 -23.47 38.82 -0.36
CA LYS B 233 -24.15 38.32 0.82
C LYS B 233 -23.24 38.43 2.05
N SER B 234 -23.83 38.20 3.22
CA SER B 234 -23.10 38.29 4.47
C SER B 234 -22.30 37.01 4.71
N MET B 235 -21.12 37.17 5.31
CA MET B 235 -20.31 36.01 5.67
C MET B 235 -21.01 35.20 6.75
N GLU B 236 -20.89 33.88 6.66
CA GLU B 236 -21.61 32.96 7.53
C GLU B 236 -20.66 32.30 8.52
N GLY B 237 -21.14 32.10 9.74
CA GLY B 237 -20.34 31.53 10.80
C GLY B 237 -20.43 32.31 12.09
N GLY B 238 -20.63 33.62 11.98
CA GLY B 238 -20.75 34.48 13.15
C GLY B 238 -19.47 34.64 13.95
N ASP B 239 -18.31 34.57 13.29
CA ASP B 239 -17.02 34.68 13.97
C ASP B 239 -16.12 35.70 13.29
N SER B 240 -16.71 36.75 12.72
CA SER B 240 -15.94 37.77 12.02
C SER B 240 -15.88 39.10 12.75
N ASP B 241 -16.68 39.29 13.80
CA ASP B 241 -16.73 40.58 14.47
C ASP B 241 -15.42 40.89 15.18
N GLU B 242 -14.75 39.88 15.74
CA GLU B 242 -13.49 40.12 16.43
C GLU B 242 -12.44 40.69 15.49
N ALA B 243 -12.54 40.40 14.20
CA ALA B 243 -11.66 41.00 13.21
C ALA B 243 -12.20 42.31 12.67
N LEU B 244 -13.52 42.38 12.46
CA LEU B 244 -14.11 43.59 11.90
C LEU B 244 -14.16 44.72 12.92
N ILE B 245 -14.40 44.40 14.19
CA ILE B 245 -14.58 45.39 15.23
C ILE B 245 -13.32 45.59 16.06
N ASN B 246 -12.68 44.50 16.47
CA ASN B 246 -11.50 44.58 17.33
C ASN B 246 -10.18 44.50 16.57
N ALA B 247 -10.23 44.28 15.25
CA ALA B 247 -9.02 44.18 14.41
C ALA B 247 -8.08 43.08 14.92
N ALA B 248 -8.66 41.96 15.35
CA ALA B 248 -7.88 40.84 15.87
C ALA B 248 -7.73 39.76 14.79
N SER B 249 -6.57 39.14 14.76
CA SER B 249 -6.30 38.00 13.88
C SER B 249 -6.32 36.72 14.71
N TYR B 250 -7.09 35.74 14.26
CA TYR B 250 -7.38 34.57 15.09
C TYR B 250 -7.79 33.42 14.18
N VAL B 251 -8.01 32.26 14.80
CA VAL B 251 -8.46 31.05 14.13
C VAL B 251 -9.77 30.62 14.78
N SER B 252 -10.73 30.20 13.97
CA SER B 252 -12.04 29.82 14.47
C SER B 252 -12.62 28.69 13.63
N VAL B 253 -13.49 27.90 14.25
CA VAL B 253 -14.20 26.81 13.59
C VAL B 253 -15.69 27.11 13.67
N ARG B 254 -16.29 27.43 12.52
CA ARG B 254 -17.72 27.68 12.43
C ARG B 254 -18.24 27.05 11.15
N LYS B 255 -19.55 27.12 10.96
CA LYS B 255 -20.21 26.54 9.80
C LYS B 255 -20.57 27.66 8.83
N GLY B 256 -19.89 27.71 7.70
CA GLY B 256 -20.18 28.68 6.66
C GLY B 256 -21.05 28.10 5.57
N SER B 257 -21.04 28.78 4.41
CA SER B 257 -21.82 28.29 3.28
C SER B 257 -21.31 26.94 2.79
N LEU B 258 -20.02 26.67 2.96
CA LEU B 258 -19.41 25.42 2.52
C LEU B 258 -19.38 24.37 3.62
N GLY B 259 -20.04 24.62 4.74
CA GLY B 259 -20.04 23.70 5.86
C GLY B 259 -19.08 24.14 6.96
N SER B 260 -18.91 23.24 7.92
CA SER B 260 -17.96 23.49 9.00
C SER B 260 -16.55 23.60 8.45
N SER B 261 -15.82 24.62 8.90
CA SER B 261 -14.49 24.88 8.36
C SER B 261 -13.60 25.50 9.43
N LEU B 262 -12.32 25.17 9.33
CA LEU B 262 -11.28 25.79 10.15
C LEU B 262 -10.72 26.98 9.38
N ARG B 263 -10.95 28.18 9.89
CA ARG B 263 -10.60 29.40 9.16
C ARG B 263 -9.74 30.32 10.01
N GLY B 264 -8.78 30.96 9.37
CA GLY B 264 -8.03 32.06 9.96
C GLY B 264 -8.56 33.36 9.43
N LYS B 265 -8.75 34.32 10.34
CA LYS B 265 -9.39 35.59 10.02
C LYS B 265 -8.46 36.73 10.40
N SER B 266 -8.30 37.69 9.49
CA SER B 266 -7.48 38.87 9.73
C SER B 266 -8.20 40.08 9.13
N PRO B 267 -8.16 41.22 9.80
CA PRO B 267 -8.81 42.42 9.26
C PRO B 267 -7.97 43.08 8.17
N ILE B 268 -8.67 43.77 7.27
CA ILE B 268 -8.05 44.64 6.30
C ILE B 268 -8.14 46.07 6.83
N GLN B 269 -7.00 46.74 6.91
CA GLN B 269 -6.91 48.04 7.56
C GLN B 269 -6.22 49.04 6.66
N ASP B 270 -6.69 50.28 6.69
CA ASP B 270 -6.02 51.37 5.97
C ASP B 270 -4.88 51.91 6.83
N ALA B 271 -4.30 53.03 6.38
CA ALA B 271 -3.11 53.58 7.04
C ALA B 271 -3.39 54.07 8.45
N THR B 272 -4.64 54.36 8.78
CA THR B 272 -5.01 54.82 10.12
C THR B 272 -5.31 53.67 11.07
N GLY B 273 -5.23 52.42 10.61
CA GLY B 273 -5.65 51.28 11.40
C GLY B 273 -7.13 51.01 11.36
N LYS B 274 -7.91 51.84 10.66
CA LYS B 274 -9.35 51.63 10.56
C LYS B 274 -9.65 50.37 9.77
N VAL B 275 -10.50 49.52 10.33
CA VAL B 275 -10.86 48.27 9.65
C VAL B 275 -11.75 48.59 8.46
N ILE B 276 -11.31 48.17 7.27
CA ILE B 276 -12.07 48.36 6.05
C ILE B 276 -12.53 47.05 5.43
N GLY B 277 -12.10 45.91 5.96
CA GLY B 277 -12.48 44.64 5.40
C GLY B 277 -11.95 43.50 6.23
N ILE B 278 -12.06 42.29 5.68
CA ILE B 278 -11.62 41.08 6.38
C ILE B 278 -11.25 40.03 5.33
N VAL B 279 -10.22 39.26 5.64
CA VAL B 279 -9.81 38.11 4.83
C VAL B 279 -10.03 36.85 5.65
N SER B 280 -10.63 35.83 5.03
CA SER B 280 -10.92 34.57 5.70
C SER B 280 -10.35 33.44 4.84
N VAL B 281 -9.31 32.79 5.33
CA VAL B 281 -8.70 31.62 4.69
C VAL B 281 -9.12 30.40 5.49
N GLY B 282 -9.88 29.51 4.86
CA GLY B 282 -10.50 28.40 5.57
C GLY B 282 -10.24 27.06 4.92
N TYR B 283 -10.30 26.02 5.75
CA TYR B 283 -10.20 24.63 5.33
C TYR B 283 -11.40 23.90 5.90
N THR B 284 -12.28 23.40 5.03
CA THR B 284 -13.46 22.68 5.50
C THR B 284 -13.05 21.44 6.28
N ILE B 285 -13.91 21.05 7.23
CA ILE B 285 -13.67 19.83 8.00
C ILE B 285 -13.62 18.62 7.08
N GLU B 286 -14.42 18.65 6.01
CA GLU B 286 -14.43 17.54 5.06
C GLU B 286 -13.08 17.40 4.36
N GLN B 287 -12.52 18.54 3.92
CA GLN B 287 -11.20 18.50 3.29
C GLN B 287 -10.11 18.12 4.27
N LEU B 288 -10.26 18.50 5.55
CA LEU B 288 -9.24 18.22 6.55
C LEU B 288 -9.16 16.74 6.91
N VAL B 289 -10.23 15.98 6.71
CA VAL B 289 -10.27 14.60 7.16
C VAL B 289 -9.99 13.64 6.02
N THR B 290 -10.27 14.06 4.79
CA THR B 290 -10.16 13.17 3.63
C THR B 290 -9.05 13.56 2.66
N ASN B 291 -8.76 14.84 2.48
CA ASN B 291 -7.86 15.28 1.41
C ASN B 291 -6.41 15.33 1.90
N HIS B 292 -5.89 14.16 2.27
CA HIS B 292 -4.48 14.01 2.58
C HIS B 292 -4.12 12.53 2.53
N PHE B 293 -2.81 12.26 2.49
CA PHE B 293 -2.29 10.91 2.42
C PHE B 293 -1.36 10.67 3.59
N ASN B 294 -1.51 9.51 4.23
CA ASN B 294 -0.64 9.11 5.34
C ASN B 294 0.33 8.04 4.83
N VAL B 295 1.57 8.44 4.60
CA VAL B 295 2.61 7.51 4.15
C VAL B 295 3.30 6.94 5.39
N TYR B 296 2.99 5.69 5.71
CA TYR B 296 3.53 5.07 6.92
C TYR B 296 4.97 4.63 6.69
N ILE B 297 5.88 5.13 7.51
CA ILE B 297 7.30 4.87 7.39
C ILE B 297 7.70 3.79 8.38
N THR B 298 8.40 2.76 7.89
CA THR B 298 9.01 1.75 8.73
C THR B 298 10.49 1.65 8.39
N ALA B 299 11.28 1.21 9.36
CA ALA B 299 12.72 1.10 9.18
C ALA B 299 13.09 -0.22 8.52
N ASP B 300 14.13 -0.16 7.69
CA ASP B 300 14.72 -1.35 7.07
C ASP B 300 16.13 -1.46 7.64
N LYS B 301 16.25 -2.18 8.76
CA LYS B 301 17.53 -2.22 9.49
C LYS B 301 18.64 -2.80 8.63
N GLN B 302 18.36 -3.91 7.93
CA GLN B 302 19.40 -4.60 7.18
C GLN B 302 19.93 -3.72 6.04
N LYS B 303 19.02 -3.13 5.27
CA LYS B 303 19.42 -2.22 4.19
C LYS B 303 19.71 -0.81 4.69
N ASN B 304 19.73 -0.61 6.01
CA ASN B 304 20.17 0.63 6.64
C ASN B 304 19.31 1.83 6.22
N GLY B 305 18.06 1.57 5.85
CA GLY B 305 17.20 2.64 5.40
C GLY B 305 15.77 2.51 5.87
N ILE B 306 14.83 3.03 5.09
CA ILE B 306 13.41 2.97 5.39
C ILE B 306 12.67 2.42 4.18
N LYS B 307 11.41 2.03 4.40
CA LYS B 307 10.54 1.55 3.35
C LYS B 307 9.13 2.02 3.64
N ALA B 308 8.31 2.08 2.59
CA ALA B 308 6.94 2.54 2.72
C ALA B 308 6.16 2.12 1.49
N ASN B 309 4.88 1.84 1.68
CA ASN B 309 3.95 1.58 0.59
C ASN B 309 2.65 2.32 0.87
N PHE B 310 2.12 2.97 -0.16
CA PHE B 310 0.91 3.76 -0.02
C PHE B 310 0.17 3.75 -1.35
N LYS B 311 -1.09 4.16 -1.30
CA LYS B 311 -1.99 4.08 -2.45
C LYS B 311 -2.58 5.45 -2.73
N ILE B 312 -2.50 5.88 -3.99
CA ILE B 312 -3.09 7.14 -4.45
C ILE B 312 -4.14 6.81 -5.49
N ARG B 313 -5.34 7.35 -5.31
CA ARG B 313 -6.44 7.16 -6.25
C ARG B 313 -6.55 8.42 -7.11
N HIS B 314 -6.03 8.33 -8.34
CA HIS B 314 -6.14 9.44 -9.28
C HIS B 314 -7.54 9.46 -9.87
N ASN B 315 -8.26 10.56 -9.65
CA ASN B 315 -9.61 10.69 -10.18
C ASN B 315 -9.57 10.72 -11.71
N ILE B 316 -10.35 9.82 -12.31
CA ILE B 316 -10.48 9.78 -13.77
C ILE B 316 -11.50 10.84 -14.20
N GLU B 317 -11.23 11.49 -15.33
CA GLU B 317 -12.16 12.47 -15.86
C GLU B 317 -13.52 11.84 -16.13
N ASP B 318 -14.56 12.39 -15.50
CA ASP B 318 -15.94 11.97 -15.70
C ASP B 318 -16.19 10.54 -15.23
N GLY B 319 -15.16 9.85 -14.75
CA GLY B 319 -15.29 8.45 -14.40
C GLY B 319 -14.92 8.13 -12.97
N GLY B 320 -14.26 6.99 -12.77
CA GLY B 320 -13.90 6.53 -11.44
C GLY B 320 -12.52 6.96 -11.00
N VAL B 321 -11.77 6.05 -10.38
CA VAL B 321 -10.45 6.34 -9.85
C VAL B 321 -9.43 5.46 -10.55
N GLN B 322 -8.18 5.95 -10.60
CA GLN B 322 -7.05 5.20 -11.13
C GLN B 322 -6.07 4.96 -9.99
N LEU B 323 -5.97 3.72 -9.54
CA LEU B 323 -5.11 3.40 -8.41
C LEU B 323 -3.64 3.47 -8.80
N ALA B 324 -2.85 4.16 -8.00
CA ALA B 324 -1.40 4.26 -8.19
C ALA B 324 -0.76 3.68 -6.92
N ASP B 325 -0.49 2.38 -6.94
CA ASP B 325 0.02 1.67 -5.77
C ASP B 325 1.52 1.87 -5.70
N HIS B 326 1.98 2.60 -4.67
CA HIS B 326 3.39 2.93 -4.51
C HIS B 326 4.07 1.94 -3.57
N TYR B 327 5.33 1.63 -3.87
CA TYR B 327 6.20 0.87 -3.00
C TYR B 327 7.55 1.58 -2.96
N GLN B 328 7.90 2.12 -1.79
CA GLN B 328 9.02 3.04 -1.68
C GLN B 328 10.13 2.44 -0.81
N GLN B 329 11.37 2.76 -1.17
CA GLN B 329 12.55 2.38 -0.40
C GLN B 329 13.56 3.53 -0.45
N ASN B 330 14.12 3.88 0.71
CA ASN B 330 15.13 4.93 0.81
C ASN B 330 16.35 4.37 1.53
N THR B 331 17.52 4.59 0.94
CA THR B 331 18.78 4.13 1.51
C THR B 331 19.80 5.26 1.46
N PRO B 332 20.68 5.36 2.47
CA PRO B 332 21.63 6.47 2.50
C PRO B 332 22.66 6.37 1.38
N ILE B 333 23.08 7.53 0.89
CA ILE B 333 24.12 7.58 -0.13
C ILE B 333 25.49 7.39 0.48
N GLY B 334 25.77 8.11 1.57
CA GLY B 334 27.07 8.06 2.20
C GLY B 334 27.20 6.92 3.20
N ASP B 335 28.32 6.92 3.90
CA ASP B 335 28.63 5.89 4.89
C ASP B 335 28.32 6.31 6.32
N GLY B 336 28.00 7.58 6.54
CA GLY B 336 27.73 8.09 7.87
C GLY B 336 26.48 7.48 8.48
N PRO B 337 26.34 7.60 9.80
CA PRO B 337 25.17 7.04 10.47
C PRO B 337 23.90 7.82 10.12
N VAL B 338 22.78 7.11 10.14
CA VAL B 338 21.48 7.69 9.82
C VAL B 338 20.48 7.27 10.90
N LEU B 339 19.42 8.05 11.03
CA LEU B 339 18.38 7.79 12.01
C LEU B 339 17.43 6.72 11.47
N LEU B 340 17.49 5.53 12.04
CA LEU B 340 16.50 4.51 11.73
C LEU B 340 15.29 4.74 12.62
N PRO B 341 14.15 5.14 12.05
CA PRO B 341 13.03 5.61 12.87
C PRO B 341 12.14 4.48 13.37
N ASP B 342 11.36 4.81 14.39
CA ASP B 342 10.24 3.97 14.77
C ASP B 342 9.10 4.14 13.77
N ASN B 343 8.06 3.32 13.92
CA ASN B 343 6.93 3.39 13.01
C ASN B 343 6.19 4.71 13.19
N HIS B 344 6.06 5.46 12.09
CA HIS B 344 5.32 6.70 12.06
C HIS B 344 4.79 6.90 10.64
N TYR B 345 4.16 8.04 10.39
CA TYR B 345 3.68 8.33 9.05
C TYR B 345 3.87 9.81 8.74
N LEU B 346 3.86 10.11 7.45
CA LEU B 346 3.98 11.48 6.94
C LEU B 346 2.64 11.86 6.32
N SER B 347 1.94 12.79 6.96
CA SER B 347 0.68 13.30 6.42
C SER B 347 0.99 14.34 5.35
N THR B 348 0.52 14.10 4.13
CA THR B 348 0.88 14.92 2.97
C THR B 348 -0.37 15.52 2.36
N GLN B 349 -0.42 16.84 2.28
CA GLN B 349 -1.42 17.56 1.51
C GLN B 349 -0.77 18.18 0.29
N SER B 350 -1.49 18.20 -0.82
CA SER B 350 -0.96 18.72 -2.08
C SER B 350 -2.03 19.51 -2.81
N LYS B 351 -1.62 20.65 -3.37
CA LYS B 351 -2.48 21.47 -4.22
C LYS B 351 -1.78 21.68 -5.54
N LEU B 352 -2.35 21.13 -6.61
CA LEU B 352 -1.82 21.30 -7.95
C LEU B 352 -2.49 22.50 -8.62
N SER B 353 -1.67 23.37 -9.20
CA SER B 353 -2.17 24.59 -9.84
C SER B 353 -1.35 24.85 -11.10
N LYS B 354 -1.63 25.99 -11.74
CA LYS B 354 -0.98 26.36 -12.99
C LYS B 354 -0.46 27.79 -12.90
N ASP B 355 0.70 28.00 -13.52
CA ASP B 355 1.24 29.34 -13.70
C ASP B 355 0.50 30.02 -14.85
N PRO B 356 -0.19 31.15 -14.61
CA PRO B 356 -0.99 31.76 -15.69
C PRO B 356 -0.17 32.19 -16.90
N ASN B 357 1.09 32.56 -16.71
CA ASN B 357 1.91 33.09 -17.79
C ASN B 357 2.93 32.08 -18.30
N GLU B 358 2.68 30.78 -18.11
CA GLU B 358 3.60 29.73 -18.52
C GLU B 358 3.02 29.00 -19.73
N LYS B 359 3.64 29.22 -20.89
CA LYS B 359 3.20 28.55 -22.11
C LYS B 359 3.61 27.09 -22.16
N ARG B 360 4.68 26.71 -21.46
CA ARG B 360 5.17 25.34 -21.51
C ARG B 360 4.32 24.44 -20.63
N ASP B 361 4.25 23.16 -21.02
CA ASP B 361 3.54 22.16 -20.22
C ASP B 361 4.20 22.04 -18.86
N HIS B 362 3.46 22.38 -17.80
CA HIS B 362 4.06 22.60 -16.50
C HIS B 362 3.09 22.18 -15.40
N MET B 363 3.59 22.22 -14.17
CA MET B 363 2.79 21.96 -12.98
C MET B 363 3.34 22.79 -11.81
N VAL B 364 2.46 23.52 -11.15
CA VAL B 364 2.80 24.25 -9.93
C VAL B 364 2.29 23.43 -8.75
N LEU B 365 3.18 23.16 -7.79
CA LEU B 365 2.88 22.25 -6.70
C LEU B 365 3.09 22.95 -5.36
N LEU B 366 2.02 23.03 -4.57
CA LEU B 366 2.09 23.41 -3.17
C LEU B 366 1.83 22.18 -2.32
N GLU B 367 2.75 21.88 -1.41
CA GLU B 367 2.69 20.64 -0.67
C GLU B 367 3.03 20.88 0.79
N PHE B 368 2.31 20.19 1.68
CA PHE B 368 2.57 20.24 3.11
C PHE B 368 2.71 18.82 3.63
N VAL B 369 3.90 18.49 4.12
CA VAL B 369 4.21 17.16 4.65
C VAL B 369 4.48 17.31 6.14
N THR B 370 3.75 16.54 6.95
CA THR B 370 3.86 16.62 8.40
C THR B 370 4.02 15.22 8.98
N ALA B 371 5.03 15.02 9.81
CA ALA B 371 5.25 13.75 10.47
C ALA B 371 4.31 13.61 11.66
N ALA B 372 3.71 12.43 11.80
CA ALA B 372 2.82 12.12 12.90
C ALA B 372 2.86 10.63 13.16
N GLY B 373 2.17 10.20 14.21
CA GLY B 373 2.12 8.79 14.58
C GLY B 373 2.87 8.43 15.83
N ILE B 374 3.56 9.38 16.46
CA ILE B 374 4.29 9.15 17.70
C ILE B 374 3.94 10.26 18.67
N THR B 375 3.50 9.87 19.86
CA THR B 375 3.15 10.83 20.90
C THR B 375 4.36 11.12 21.78
N LEU B 376 4.17 12.01 22.76
CA LEU B 376 5.27 12.40 23.64
C LEU B 376 5.77 11.21 24.46
N GLY B 377 4.86 10.41 24.99
CA GLY B 377 5.26 9.25 25.78
C GLY B 377 4.81 9.33 27.23
N MET B 378 3.71 10.05 27.48
CA MET B 378 3.14 10.13 28.81
C MET B 378 1.82 9.36 28.82
N ASP B 379 1.90 8.07 28.50
CA ASP B 379 0.72 7.23 28.34
C ASP B 379 0.32 6.56 29.64
#